data_7DIE
#
_entry.id   7DIE
#
_cell.length_a   151.334
_cell.length_b   151.334
_cell.length_c   125.213
_cell.angle_alpha   90.000
_cell.angle_beta   90.000
_cell.angle_gamma   90.000
#
_symmetry.space_group_name_H-M   'I 4'
#
loop_
_entity.id
_entity.type
_entity.pdbx_description
1 polymer Ferritin
2 non-polymer 'FE (III) ION'
3 water water
#
_entity_poly.entity_id   1
_entity_poly.type   'polypeptide(L)'
_entity_poly.pdbx_seq_one_letter_code
;MSDSVFNKDERIMDLVSKHYNVELCAANLYFHLATVSKALGYDNVAAFFVKMGSDKQSAHMSRLVKYMMKVDSILKINQI
SVPELVSFETIQEVLDAALKMESKVRESVKNVTEISLLAKDFETFERMQWFVKDSIEDLEEISDVWTYVHSPNVNLINIE
NIVGKKLKKSEYDDDHDED
;
_entity_poly.pdbx_strand_id   A,B,C,D,E,F
#
# COMPACT_ATOMS: atom_id res chain seq x y z
N SER A 4 -24.64 -1.83 29.98
CA SER A 4 -24.84 -1.15 28.71
C SER A 4 -25.95 -0.10 28.82
N VAL A 5 -25.81 0.99 28.07
CA VAL A 5 -26.83 2.02 28.06
C VAL A 5 -28.14 1.51 27.49
N PHE A 6 -28.13 0.38 26.76
CA PHE A 6 -29.38 -0.10 26.17
C PHE A 6 -30.22 -0.84 27.19
N ASN A 7 -29.58 -1.47 28.18
CA ASN A 7 -30.27 -2.06 29.32
C ASN A 7 -31.41 -2.98 28.88
N LYS A 8 -31.13 -3.87 27.94
CA LYS A 8 -32.16 -4.77 27.45
C LYS A 8 -32.47 -5.82 28.52
N ASP A 9 -33.69 -6.33 28.48
N ASP A 9 -33.72 -6.28 28.57
CA ASP A 9 -34.16 -7.34 29.43
CA ASP A 9 -34.02 -7.29 29.58
C ASP A 9 -33.58 -8.71 29.05
C ASP A 9 -33.55 -8.65 29.09
N GLU A 10 -32.85 -9.36 29.98
CA GLU A 10 -32.22 -10.62 29.61
C GLU A 10 -33.23 -11.70 29.22
N ARG A 11 -34.45 -11.60 29.70
CA ARG A 11 -35.46 -12.55 29.29
C ARG A 11 -35.78 -12.44 27.81
N ILE A 12 -35.97 -11.23 27.33
CA ILE A 12 -36.32 -11.00 25.94
C ILE A 12 -35.11 -11.31 25.07
N MET A 13 -33.91 -10.92 25.52
CA MET A 13 -32.72 -11.19 24.70
C MET A 13 -32.44 -12.69 24.61
N ASP A 14 -32.70 -13.44 25.69
CA ASP A 14 -32.59 -14.88 25.60
C ASP A 14 -33.56 -15.46 24.58
N LEU A 15 -34.77 -14.89 24.48
CA LEU A 15 -35.71 -15.35 23.45
C LEU A 15 -35.21 -15.04 22.05
N VAL A 16 -34.58 -13.88 21.86
CA VAL A 16 -34.00 -13.57 20.55
C VAL A 16 -32.90 -14.56 20.22
N SER A 17 -32.03 -14.82 21.19
CA SER A 17 -30.98 -15.82 21.05
C SER A 17 -31.57 -17.19 20.75
N LYS A 18 -32.65 -17.56 21.45
CA LYS A 18 -33.28 -18.85 21.18
C LYS A 18 -33.84 -18.89 19.77
N HIS A 19 -34.42 -17.79 19.30
CA HIS A 19 -34.94 -17.82 17.95
C HIS A 19 -33.81 -17.95 16.92
N TYR A 20 -32.65 -17.33 17.18
CA TYR A 20 -31.49 -17.58 16.32
C TYR A 20 -31.20 -19.07 16.24
N ASN A 21 -31.19 -19.76 17.40
CA ASN A 21 -30.94 -21.20 17.39
C ASN A 21 -32.00 -21.94 16.60
N VAL A 22 -33.25 -21.47 16.62
CA VAL A 22 -34.31 -22.15 15.87
C VAL A 22 -34.13 -21.95 14.37
N GLU A 23 -33.74 -20.74 13.95
CA GLU A 23 -33.45 -20.54 12.52
C GLU A 23 -32.24 -21.36 12.08
N LEU A 24 -31.22 -21.45 12.94
CA LEU A 24 -30.06 -22.28 12.63
C LEU A 24 -30.42 -23.75 12.64
N CYS A 25 -31.32 -24.17 13.53
CA CYS A 25 -31.75 -25.55 13.51
C CYS A 25 -32.38 -25.88 12.16
N ALA A 26 -33.19 -24.94 11.64
CA ALA A 26 -33.81 -25.11 10.33
C ALA A 26 -32.74 -25.17 9.24
N ALA A 27 -31.77 -24.26 9.28
CA ALA A 27 -30.68 -24.27 8.30
C ALA A 27 -29.96 -25.61 8.34
N ASN A 28 -29.58 -26.04 9.54
CA ASN A 28 -28.89 -27.33 9.71
C ASN A 28 -29.72 -28.48 9.17
N LEU A 29 -31.02 -28.48 9.46
CA LEU A 29 -31.88 -29.53 8.91
C LEU A 29 -31.93 -29.47 7.39
N TYR A 30 -32.05 -28.27 6.83
CA TYR A 30 -32.19 -28.15 5.38
C TYR A 30 -30.92 -28.60 4.64
N PHE A 31 -29.74 -28.29 5.20
CA PHE A 31 -28.53 -28.79 4.54
C PHE A 31 -28.45 -30.31 4.64
N HIS A 32 -28.87 -30.89 5.78
CA HIS A 32 -28.99 -32.34 5.86
C HIS A 32 -29.97 -32.88 4.82
N LEU A 33 -31.16 -32.27 4.75
CA LEU A 33 -32.18 -32.73 3.81
C LEU A 33 -31.74 -32.54 2.37
N ALA A 34 -30.89 -31.56 2.10
CA ALA A 34 -30.33 -31.44 0.75
C ALA A 34 -29.56 -32.70 0.37
N THR A 35 -28.69 -33.19 1.27
CA THR A 35 -27.92 -34.38 0.94
C THR A 35 -28.81 -35.62 0.86
N VAL A 36 -29.83 -35.71 1.72
CA VAL A 36 -30.75 -36.84 1.63
C VAL A 36 -31.51 -36.81 0.31
N SER A 37 -32.04 -35.64 -0.04
CA SER A 37 -32.81 -35.48 -1.28
C SER A 37 -31.98 -35.88 -2.49
N LYS A 38 -30.72 -35.41 -2.52
CA LYS A 38 -29.85 -35.74 -3.64
C LYS A 38 -29.61 -37.24 -3.74
N ALA A 39 -29.34 -37.88 -2.60
CA ALA A 39 -29.09 -39.32 -2.58
C ALA A 39 -30.32 -40.11 -3.02
N LEU A 40 -31.51 -39.54 -2.81
CA LEU A 40 -32.75 -40.15 -3.27
C LEU A 40 -33.01 -39.90 -4.75
N GLY A 41 -32.17 -39.10 -5.41
CA GLY A 41 -32.32 -38.85 -6.83
C GLY A 41 -32.92 -37.52 -7.20
N TYR A 42 -33.10 -36.61 -6.24
CA TYR A 42 -33.82 -35.35 -6.44
C TYR A 42 -32.83 -34.19 -6.41
N ASP A 43 -32.14 -33.97 -7.53
CA ASP A 43 -31.13 -32.90 -7.61
C ASP A 43 -31.75 -31.51 -7.37
N ASN A 44 -32.93 -31.24 -7.93
CA ASN A 44 -33.53 -29.90 -7.79
C ASN A 44 -34.13 -29.69 -6.40
N VAL A 45 -34.76 -30.73 -5.83
CA VAL A 45 -35.20 -30.62 -4.45
C VAL A 45 -33.99 -30.38 -3.54
N ALA A 46 -32.88 -31.05 -3.83
CA ALA A 46 -31.67 -30.83 -3.04
C ALA A 46 -31.21 -29.38 -3.13
N ALA A 47 -31.22 -28.81 -4.35
CA ALA A 47 -30.83 -27.41 -4.53
C ALA A 47 -31.78 -26.47 -3.84
N PHE A 48 -33.07 -26.81 -3.85
CA PHE A 48 -34.06 -26.05 -3.09
C PHE A 48 -33.70 -25.99 -1.61
N PHE A 49 -33.32 -27.12 -1.03
CA PHE A 49 -32.97 -27.10 0.39
C PHE A 49 -31.69 -26.31 0.63
N VAL A 50 -30.74 -26.37 -0.31
CA VAL A 50 -29.55 -25.54 -0.15
C VAL A 50 -29.94 -24.07 -0.15
N LYS A 51 -30.85 -23.69 -1.04
CA LYS A 51 -31.31 -22.30 -1.09
C LYS A 51 -31.99 -21.91 0.21
N MET A 52 -32.84 -22.78 0.74
CA MET A 52 -33.56 -22.45 1.98
C MET A 52 -32.57 -22.29 3.14
N GLY A 53 -31.61 -23.22 3.27
CA GLY A 53 -30.64 -23.11 4.35
C GLY A 53 -29.76 -21.89 4.20
N SER A 54 -29.33 -21.59 2.97
CA SER A 54 -28.51 -20.40 2.76
C SER A 54 -29.28 -19.14 3.10
N ASP A 55 -30.58 -19.10 2.76
N ASP A 55 -30.57 -19.07 2.80
CA ASP A 55 -31.39 -17.93 3.11
CA ASP A 55 -31.39 -17.93 3.12
C ASP A 55 -31.51 -17.76 4.62
C ASP A 55 -31.58 -17.76 4.64
N LYS A 56 -31.69 -18.87 5.35
CA LYS A 56 -31.72 -18.74 6.80
C LYS A 56 -30.44 -18.09 7.31
N GLN A 57 -29.29 -18.47 6.75
CA GLN A 57 -28.03 -17.86 7.17
C GLN A 57 -27.98 -16.38 6.80
N SER A 58 -28.22 -16.07 5.52
CA SER A 58 -27.90 -14.74 5.03
C SER A 58 -28.97 -13.71 5.35
N ALA A 59 -30.20 -14.14 5.59
CA ALA A 59 -31.28 -13.19 5.83
C ALA A 59 -31.83 -13.24 7.24
N HIS A 60 -31.91 -14.41 7.86
CA HIS A 60 -32.52 -14.51 9.19
C HIS A 60 -31.48 -14.40 10.29
N MET A 61 -30.54 -15.33 10.33
CA MET A 61 -29.51 -15.31 11.37
C MET A 61 -28.71 -14.01 11.33
N SER A 62 -28.43 -13.49 10.13
CA SER A 62 -27.66 -12.25 10.03
C SER A 62 -28.41 -11.08 10.66
N ARG A 63 -29.73 -10.98 10.42
CA ARG A 63 -30.50 -9.89 11.03
C ARG A 63 -30.55 -10.04 12.55
N LEU A 64 -30.63 -11.27 13.07
CA LEU A 64 -30.71 -11.47 14.51
C LEU A 64 -29.40 -11.11 15.19
N VAL A 65 -28.27 -11.58 14.65
CA VAL A 65 -27.01 -11.24 15.32
C VAL A 65 -26.71 -9.74 15.20
N LYS A 66 -27.09 -9.12 14.08
CA LYS A 66 -26.88 -7.68 13.93
C LYS A 66 -27.71 -6.89 14.92
N TYR A 67 -28.94 -7.32 15.14
CA TYR A 67 -29.79 -6.66 16.13
C TYR A 67 -29.22 -6.81 17.53
N MET A 68 -28.79 -8.01 17.90
CA MET A 68 -28.22 -8.18 19.24
C MET A 68 -27.03 -7.26 19.45
N MET A 69 -26.18 -7.11 18.43
CA MET A 69 -25.03 -6.21 18.55
C MET A 69 -25.48 -4.75 18.69
N LYS A 70 -26.54 -4.35 17.97
CA LYS A 70 -27.05 -2.98 18.10
C LYS A 70 -27.40 -2.67 19.55
N VAL A 71 -27.93 -3.64 20.28
CA VAL A 71 -28.35 -3.41 21.65
C VAL A 71 -27.40 -4.07 22.65
N ASP A 72 -26.15 -4.36 22.23
CA ASP A 72 -25.08 -4.82 23.11
C ASP A 72 -25.42 -6.10 23.85
N SER A 73 -26.25 -6.97 23.27
CA SER A 73 -26.62 -8.22 23.93
C SER A 73 -25.86 -9.41 23.32
N ILE A 74 -25.81 -10.49 24.09
CA ILE A 74 -24.92 -11.63 23.79
C ILE A 74 -25.73 -12.76 23.16
N LEU A 75 -25.28 -13.24 22.01
CA LEU A 75 -25.89 -14.40 21.35
C LEU A 75 -25.31 -15.69 21.91
N LYS A 76 -26.18 -16.59 22.35
CA LYS A 76 -25.77 -17.88 22.90
C LYS A 76 -26.25 -18.99 21.97
N ILE A 77 -25.31 -19.73 21.38
CA ILE A 77 -25.65 -20.92 20.59
C ILE A 77 -25.64 -22.12 21.51
N ASN A 78 -26.60 -23.02 21.35
CA ASN A 78 -26.64 -24.20 22.20
C ASN A 78 -27.32 -25.34 21.46
N GLN A 79 -27.74 -26.37 22.21
CA GLN A 79 -28.26 -27.60 21.63
C GLN A 79 -29.54 -27.39 20.85
N ILE A 80 -30.25 -26.28 21.07
CA ILE A 80 -31.47 -26.02 20.30
C ILE A 80 -31.16 -26.00 18.81
N SER A 81 -29.92 -25.63 18.44
CA SER A 81 -29.55 -25.47 17.04
C SER A 81 -29.34 -26.79 16.30
N VAL A 82 -29.29 -27.92 17.00
CA VAL A 82 -28.96 -29.20 16.39
C VAL A 82 -30.27 -29.97 16.14
N PRO A 83 -30.63 -30.25 14.89
CA PRO A 83 -31.92 -30.90 14.64
C PRO A 83 -31.90 -32.37 15.01
N GLU A 84 -33.04 -32.87 15.48
CA GLU A 84 -33.20 -34.28 15.76
C GLU A 84 -33.42 -35.02 14.45
N LEU A 85 -32.49 -35.91 14.10
CA LEU A 85 -32.50 -36.56 12.79
C LEU A 85 -33.19 -37.92 12.88
N VAL A 86 -34.20 -38.13 12.06
CA VAL A 86 -34.79 -39.44 11.86
C VAL A 86 -34.34 -39.97 10.51
N SER A 87 -34.59 -41.25 10.26
CA SER A 87 -34.26 -41.84 8.98
C SER A 87 -35.34 -41.48 7.96
N PHE A 88 -34.90 -41.19 6.74
CA PHE A 88 -35.82 -40.87 5.65
C PHE A 88 -35.67 -41.91 4.55
N GLU A 89 -36.78 -42.50 4.13
CA GLU A 89 -36.75 -43.44 3.02
C GLU A 89 -37.35 -42.90 1.73
N THR A 90 -38.16 -41.84 1.80
CA THR A 90 -38.82 -41.28 0.63
C THR A 90 -38.70 -39.77 0.64
N ILE A 91 -38.85 -39.17 -0.56
CA ILE A 91 -38.84 -37.73 -0.65
C ILE A 91 -40.07 -37.13 0.04
N GLN A 92 -41.16 -37.89 0.17
CA GLN A 92 -42.31 -37.44 0.95
C GLN A 92 -41.95 -37.27 2.43
N GLU A 93 -41.20 -38.23 3.00
CA GLU A 93 -40.79 -38.12 4.39
C GLU A 93 -39.85 -36.94 4.60
N VAL A 94 -38.99 -36.67 3.62
CA VAL A 94 -38.12 -35.49 3.68
C VAL A 94 -38.94 -34.21 3.77
N LEU A 95 -39.97 -34.08 2.92
CA LEU A 95 -40.74 -32.85 2.96
C LEU A 95 -41.58 -32.76 4.22
N ASP A 96 -42.07 -33.90 4.74
CA ASP A 96 -42.76 -33.89 6.04
C ASP A 96 -41.89 -33.24 7.11
N ALA A 97 -40.62 -33.61 7.15
CA ALA A 97 -39.73 -33.09 8.18
C ALA A 97 -39.48 -31.60 7.97
N ALA A 98 -39.32 -31.19 6.71
CA ALA A 98 -39.13 -29.77 6.41
C ALA A 98 -40.34 -28.94 6.80
N LEU A 99 -41.54 -29.43 6.50
CA LEU A 99 -42.76 -28.71 6.87
C LEU A 99 -42.88 -28.56 8.38
N LYS A 100 -42.58 -29.64 9.12
CA LYS A 100 -42.62 -29.54 10.59
C LYS A 100 -41.63 -28.52 11.10
N MET A 101 -40.42 -28.50 10.52
CA MET A 101 -39.39 -27.58 10.98
C MET A 101 -39.78 -26.14 10.72
N GLU A 102 -40.17 -25.82 9.47
CA GLU A 102 -40.49 -24.42 9.18
C GLU A 102 -41.70 -23.98 9.98
N SER A 103 -42.65 -24.88 10.21
CA SER A 103 -43.79 -24.50 11.04
C SER A 103 -43.33 -24.14 12.45
N LYS A 104 -42.29 -24.83 12.97
CA LYS A 104 -41.77 -24.46 14.28
C LYS A 104 -41.02 -23.13 14.24
N VAL A 105 -40.32 -22.83 13.14
CA VAL A 105 -39.72 -21.50 13.01
C VAL A 105 -40.79 -20.44 13.13
N ARG A 106 -41.90 -20.61 12.40
CA ARG A 106 -42.98 -19.63 12.42
C ARG A 106 -43.57 -19.49 13.82
N GLU A 107 -43.71 -20.59 14.55
CA GLU A 107 -44.25 -20.47 15.91
C GLU A 107 -43.26 -19.76 16.84
N SER A 108 -41.96 -20.02 16.66
CA SER A 108 -40.94 -19.29 17.40
C SER A 108 -41.03 -17.78 17.13
N VAL A 109 -41.10 -17.38 15.86
CA VAL A 109 -41.28 -15.96 15.54
C VAL A 109 -42.47 -15.39 16.32
N LYS A 110 -43.61 -16.07 16.25
CA LYS A 110 -44.81 -15.56 16.92
C LYS A 110 -44.58 -15.40 18.42
N ASN A 111 -43.86 -16.36 19.03
N ASN A 111 -43.88 -16.37 19.04
CA ASN A 111 -43.65 -16.33 20.47
CA ASN A 111 -43.65 -16.31 20.48
C ASN A 111 -42.78 -15.14 20.87
C ASN A 111 -42.80 -15.11 20.85
N VAL A 112 -41.67 -14.94 20.17
CA VAL A 112 -40.79 -13.80 20.47
C VAL A 112 -41.53 -12.49 20.21
N THR A 113 -42.31 -12.45 19.12
CA THR A 113 -43.04 -11.24 18.81
C THR A 113 -44.03 -10.91 19.92
N GLU A 114 -44.83 -11.90 20.33
CA GLU A 114 -45.84 -11.67 21.35
C GLU A 114 -45.22 -11.30 22.69
N ILE A 115 -44.19 -12.04 23.12
CA ILE A 115 -43.61 -11.78 24.43
C ILE A 115 -42.88 -10.45 24.44
N SER A 116 -42.18 -10.09 23.35
CA SER A 116 -41.49 -8.81 23.36
C SER A 116 -42.49 -7.66 23.49
N LEU A 117 -43.64 -7.74 22.81
CA LEU A 117 -44.66 -6.71 22.95
C LEU A 117 -45.22 -6.69 24.37
N LEU A 118 -45.53 -7.87 24.90
CA LEU A 118 -46.02 -7.98 26.28
C LEU A 118 -45.07 -7.26 27.24
N ALA A 119 -43.79 -7.48 27.06
CA ALA A 119 -42.74 -6.92 27.91
C ALA A 119 -42.42 -5.47 27.58
N LYS A 120 -43.16 -4.85 26.66
CA LYS A 120 -42.94 -3.46 26.25
C LYS A 120 -41.55 -3.27 25.67
N ASP A 121 -41.00 -4.34 25.10
CA ASP A 121 -39.72 -4.22 24.38
C ASP A 121 -40.10 -3.90 22.93
N PHE A 122 -40.31 -2.62 22.65
CA PHE A 122 -40.75 -2.24 21.31
C PHE A 122 -39.63 -2.29 20.30
N GLU A 123 -38.37 -2.18 20.75
CA GLU A 123 -37.25 -2.39 19.85
C GLU A 123 -37.26 -3.82 19.31
N THR A 124 -37.42 -4.80 20.19
CA THR A 124 -37.44 -6.19 19.71
C THR A 124 -38.70 -6.48 18.90
N PHE A 125 -39.85 -5.96 19.32
CA PHE A 125 -41.07 -6.12 18.54
C PHE A 125 -40.88 -5.59 17.11
N GLU A 126 -40.25 -4.43 16.99
CA GLU A 126 -40.04 -3.83 15.67
C GLU A 126 -39.12 -4.71 14.81
N ARG A 127 -38.02 -5.19 15.40
CA ARG A 127 -37.10 -6.05 14.65
C ARG A 127 -37.78 -7.36 14.24
N MET A 128 -38.74 -7.83 15.02
CA MET A 128 -39.39 -9.09 14.67
C MET A 128 -40.38 -8.95 13.53
N GLN A 129 -40.78 -7.73 13.15
CA GLN A 129 -41.79 -7.58 12.11
C GLN A 129 -41.31 -8.15 10.78
N TRP A 130 -40.03 -7.97 10.46
CA TRP A 130 -39.49 -8.58 9.23
C TRP A 130 -39.70 -10.09 9.25
N PHE A 131 -39.53 -10.70 10.42
CA PHE A 131 -39.63 -12.15 10.56
C PHE A 131 -41.07 -12.62 10.53
N VAL A 132 -41.98 -11.82 11.10
CA VAL A 132 -43.39 -12.13 10.99
C VAL A 132 -43.78 -12.24 9.52
N LYS A 133 -43.37 -11.26 8.71
CA LYS A 133 -43.71 -11.29 7.29
C LYS A 133 -42.99 -12.42 6.58
N ASP A 134 -41.69 -12.57 6.82
CA ASP A 134 -40.92 -13.53 6.02
C ASP A 134 -41.19 -14.97 6.43
N SER A 135 -41.56 -15.22 7.69
CA SER A 135 -41.90 -16.61 8.05
C SER A 135 -43.07 -17.12 7.22
N ILE A 136 -44.01 -16.24 6.86
CA ILE A 136 -45.09 -16.65 5.97
C ILE A 136 -44.52 -17.11 4.63
N GLU A 137 -43.60 -16.32 4.07
CA GLU A 137 -42.99 -16.67 2.78
C GLU A 137 -42.27 -18.02 2.85
N ASP A 138 -41.46 -18.22 3.89
CA ASP A 138 -40.69 -19.45 3.98
C ASP A 138 -41.60 -20.66 4.16
N LEU A 139 -42.62 -20.53 5.01
CA LEU A 139 -43.53 -21.66 5.18
C LEU A 139 -44.29 -21.92 3.88
N GLU A 140 -44.67 -20.88 3.15
CA GLU A 140 -45.35 -21.09 1.87
C GLU A 140 -44.47 -21.86 0.90
N GLU A 141 -43.18 -21.50 0.82
CA GLU A 141 -42.26 -22.16 -0.10
C GLU A 141 -42.15 -23.65 0.22
N ILE A 142 -41.94 -23.99 1.49
CA ILE A 142 -41.82 -25.40 1.85
C ILE A 142 -43.16 -26.10 1.67
N SER A 143 -44.24 -25.43 2.06
CA SER A 143 -45.59 -25.96 1.87
C SER A 143 -45.89 -26.26 0.41
N ASP A 144 -45.45 -25.39 -0.51
CA ASP A 144 -45.69 -25.63 -1.93
C ASP A 144 -44.99 -26.91 -2.39
N VAL A 145 -43.73 -27.09 -1.98
CA VAL A 145 -42.99 -28.29 -2.39
C VAL A 145 -43.55 -29.53 -1.72
N TRP A 146 -43.99 -29.42 -0.46
CA TRP A 146 -44.72 -30.52 0.16
C TRP A 146 -45.93 -30.91 -0.67
N THR A 147 -46.72 -29.93 -1.12
CA THR A 147 -47.87 -30.20 -1.96
C THR A 147 -47.46 -30.94 -3.24
N TYR A 148 -46.39 -30.50 -3.89
CA TYR A 148 -45.99 -31.17 -5.13
C TYR A 148 -45.64 -32.62 -4.88
N VAL A 149 -44.84 -32.91 -3.85
CA VAL A 149 -44.40 -34.29 -3.68
C VAL A 149 -45.49 -35.18 -3.12
N HIS A 150 -46.53 -34.62 -2.51
CA HIS A 150 -47.62 -35.43 -1.98
C HIS A 150 -48.81 -35.54 -2.93
N SER A 151 -48.75 -34.89 -4.08
CA SER A 151 -49.88 -34.91 -4.99
C SER A 151 -50.04 -36.30 -5.61
N PRO A 152 -51.27 -36.76 -5.82
CA PRO A 152 -51.46 -38.10 -6.42
C PRO A 152 -50.85 -38.20 -7.80
N ASN A 153 -50.24 -39.35 -8.07
N ASN A 153 -50.21 -39.35 -8.06
CA ASN A 153 -49.86 -39.78 -9.43
CA ASN A 153 -49.88 -39.76 -9.43
C ASN A 153 -48.78 -38.91 -10.06
C ASN A 153 -48.81 -38.87 -10.06
N VAL A 154 -47.91 -38.29 -9.25
CA VAL A 154 -46.77 -37.55 -9.78
C VAL A 154 -45.58 -38.49 -9.78
N ASN A 155 -44.61 -38.22 -10.65
CA ASN A 155 -43.41 -39.00 -10.73
C ASN A 155 -42.18 -38.16 -10.41
N LEU A 156 -41.03 -38.78 -10.32
CA LEU A 156 -39.82 -38.06 -9.91
C LEU A 156 -39.53 -36.91 -10.86
N ILE A 157 -39.77 -37.13 -12.16
CA ILE A 157 -39.47 -36.09 -13.13
C ILE A 157 -40.43 -34.91 -12.95
N ASN A 158 -41.67 -35.15 -12.69
CA ASN A 158 -42.62 -34.09 -12.45
C ASN A 158 -42.16 -33.23 -11.28
N ILE A 159 -41.81 -33.88 -10.18
CA ILE A 159 -41.38 -33.17 -8.98
C ILE A 159 -40.15 -32.34 -9.28
N GLU A 160 -39.16 -32.95 -9.92
CA GLU A 160 -37.91 -32.27 -10.25
C GLU A 160 -38.17 -31.08 -11.17
N ASN A 161 -39.00 -31.25 -12.14
CA ASN A 161 -39.30 -30.18 -13.05
C ASN A 161 -39.94 -28.98 -12.38
N ILE A 162 -40.95 -29.19 -11.57
CA ILE A 162 -41.64 -28.04 -10.99
C ILE A 162 -40.80 -27.40 -9.88
N VAL A 163 -40.08 -28.20 -9.10
CA VAL A 163 -39.22 -27.62 -8.08
C VAL A 163 -38.08 -26.83 -8.72
N GLY A 164 -37.60 -27.27 -9.88
CA GLY A 164 -36.57 -26.53 -10.59
C GLY A 164 -37.00 -25.11 -10.92
N LYS A 165 -38.30 -24.89 -11.07
CA LYS A 165 -38.79 -23.55 -11.39
C LYS A 165 -38.81 -22.61 -10.18
N LYS A 166 -38.50 -23.10 -8.99
N LYS A 166 -38.51 -23.11 -8.98
CA LYS A 166 -38.37 -22.26 -7.81
CA LYS A 166 -38.36 -22.29 -7.79
C LYS A 166 -36.91 -21.88 -7.53
C LYS A 166 -36.92 -21.85 -7.56
N LEU A 167 -35.99 -22.32 -8.36
CA LEU A 167 -34.58 -22.00 -8.19
C LEU A 167 -34.18 -20.83 -9.09
N SER B 4 -25.29 -46.37 -4.10
CA SER B 4 -24.91 -45.34 -5.07
C SER B 4 -23.75 -45.77 -5.96
N VAL B 5 -23.73 -45.24 -7.19
CA VAL B 5 -22.67 -45.57 -8.14
C VAL B 5 -21.32 -45.01 -7.68
N PHE B 6 -21.30 -44.05 -6.76
CA PHE B 6 -20.02 -43.49 -6.34
C PHE B 6 -19.29 -44.37 -5.34
N ASN B 7 -20.05 -45.14 -4.55
CA ASN B 7 -19.47 -46.14 -3.65
C ASN B 7 -18.36 -45.55 -2.78
N LYS B 8 -18.67 -44.44 -2.13
CA LYS B 8 -17.70 -43.82 -1.24
C LYS B 8 -17.60 -44.63 0.05
N ASP B 9 -16.46 -44.50 0.72
CA ASP B 9 -16.24 -45.10 2.03
C ASP B 9 -16.96 -44.24 3.08
N GLU B 10 -18.00 -44.80 3.67
CA GLU B 10 -18.79 -44.12 4.71
C GLU B 10 -17.90 -43.57 5.83
N ARG B 11 -16.83 -44.29 6.18
CA ARG B 11 -15.98 -43.81 7.26
C ARG B 11 -15.23 -42.55 6.87
N ILE B 12 -14.86 -42.42 5.59
CA ILE B 12 -14.24 -41.19 5.13
C ILE B 12 -15.29 -40.09 5.00
N MET B 13 -16.46 -40.40 4.45
CA MET B 13 -17.48 -39.36 4.31
C MET B 13 -17.97 -38.88 5.68
N ASP B 14 -17.98 -39.76 6.69
CA ASP B 14 -18.28 -39.29 8.04
C ASP B 14 -17.25 -38.29 8.54
N LEU B 15 -15.97 -38.46 8.16
CA LEU B 15 -14.96 -37.46 8.53
C LEU B 15 -15.21 -36.12 7.83
N VAL B 16 -15.65 -36.16 6.57
CA VAL B 16 -16.00 -34.94 5.87
C VAL B 16 -17.16 -34.26 6.57
N SER B 17 -18.16 -35.05 6.95
CA SER B 17 -19.28 -34.51 7.71
C SER B 17 -18.81 -33.94 9.05
N LYS B 18 -17.92 -34.65 9.75
CA LYS B 18 -17.40 -34.08 10.99
C LYS B 18 -16.63 -32.79 10.73
N HIS B 19 -15.90 -32.71 9.63
CA HIS B 19 -15.19 -31.46 9.42
C HIS B 19 -16.17 -30.31 9.15
N TYR B 20 -17.29 -30.57 8.47
CA TYR B 20 -18.34 -29.57 8.34
C TYR B 20 -18.78 -29.08 9.72
N ASN B 21 -18.99 -30.01 10.66
CA ASN B 21 -19.40 -29.61 12.01
C ASN B 21 -18.33 -28.77 12.70
N VAL B 22 -17.05 -29.02 12.40
CA VAL B 22 -16.00 -28.22 13.00
C VAL B 22 -16.01 -26.80 12.42
N GLU B 23 -16.22 -26.67 11.11
CA GLU B 23 -16.31 -25.34 10.52
C GLU B 23 -17.52 -24.58 11.05
N LEU B 24 -18.63 -25.28 11.20
CA LEU B 24 -19.82 -24.67 11.79
C LEU B 24 -19.60 -24.33 13.24
N CYS B 25 -18.81 -25.14 13.95
CA CYS B 25 -18.56 -24.81 15.34
C CYS B 25 -17.75 -23.52 15.41
N ALA B 26 -16.82 -23.34 14.47
CA ALA B 26 -16.08 -22.09 14.38
C ALA B 26 -17.02 -20.92 14.06
N ALA B 27 -17.89 -21.09 13.05
CA ALA B 27 -18.84 -20.04 12.69
C ALA B 27 -19.70 -19.66 13.89
N ASN B 28 -20.26 -20.67 14.58
CA ASN B 28 -21.06 -20.42 15.77
C ASN B 28 -20.28 -19.65 16.83
N LEU B 29 -19.02 -20.03 17.06
CA LEU B 29 -18.22 -19.31 18.05
C LEU B 29 -17.98 -17.87 17.61
N TYR B 30 -17.68 -17.68 16.31
CA TYR B 30 -17.39 -16.32 15.84
C TYR B 30 -18.62 -15.42 15.95
N PHE B 31 -19.81 -15.92 15.65
CA PHE B 31 -20.98 -15.06 15.80
C PHE B 31 -21.21 -14.71 17.27
N HIS B 32 -20.98 -15.68 18.17
CA HIS B 32 -21.00 -15.41 19.59
C HIS B 32 -19.94 -14.37 19.98
N LEU B 33 -18.71 -14.56 19.49
CA LEU B 33 -17.63 -13.63 19.85
C LEU B 33 -17.85 -12.26 19.24
N ALA B 34 -18.58 -12.18 18.13
CA ALA B 34 -18.95 -10.87 17.61
C ALA B 34 -19.77 -10.11 18.64
N THR B 35 -20.80 -10.75 19.22
CA THR B 35 -21.63 -10.07 20.20
C THR B 35 -20.85 -9.76 21.48
N VAL B 36 -19.92 -10.64 21.87
CA VAL B 36 -19.11 -10.36 23.06
C VAL B 36 -18.20 -9.16 22.80
N SER B 37 -17.52 -9.16 21.65
CA SER B 37 -16.64 -8.04 21.29
C SER B 37 -17.41 -6.74 21.28
N LYS B 38 -18.59 -6.73 20.65
CA LYS B 38 -19.39 -5.51 20.59
C LYS B 38 -19.72 -5.00 21.99
N ALA B 39 -20.18 -5.92 22.86
CA ALA B 39 -20.53 -5.52 24.22
C ALA B 39 -19.33 -5.04 25.03
N LEU B 40 -18.11 -5.47 24.68
CA LEU B 40 -16.92 -4.95 25.34
C LEU B 40 -16.46 -3.62 24.77
N GLY B 41 -17.13 -3.11 23.74
CA GLY B 41 -16.79 -1.82 23.14
C GLY B 41 -16.05 -1.89 21.82
N TYR B 42 -15.89 -3.08 21.23
CA TYR B 42 -15.03 -3.30 20.06
C TYR B 42 -15.90 -3.54 18.82
N ASP B 43 -16.41 -2.46 18.24
CA ASP B 43 -17.31 -2.57 17.08
C ASP B 43 -16.62 -3.21 15.88
N ASN B 44 -15.35 -2.83 15.61
CA ASN B 44 -14.66 -3.37 14.44
C ASN B 44 -14.22 -4.82 14.66
N VAL B 45 -13.79 -5.16 15.87
CA VAL B 45 -13.50 -6.55 16.15
C VAL B 45 -14.77 -7.39 15.98
N ALA B 46 -15.90 -6.87 16.44
CA ALA B 46 -17.17 -7.57 16.25
C ALA B 46 -17.47 -7.78 14.78
N ALA B 47 -17.29 -6.72 13.96
CA ALA B 47 -17.49 -6.86 12.52
C ALA B 47 -16.52 -7.86 11.90
N PHE B 48 -15.29 -7.91 12.42
CA PHE B 48 -14.33 -8.91 11.97
C PHE B 48 -14.85 -10.32 12.22
N PHE B 49 -15.42 -10.58 13.40
CA PHE B 49 -15.92 -11.91 13.68
C PHE B 49 -17.14 -12.25 12.84
N VAL B 50 -18.00 -11.26 12.56
CA VAL B 50 -19.12 -11.48 11.64
C VAL B 50 -18.58 -11.92 10.28
N LYS B 51 -17.53 -11.25 9.79
CA LYS B 51 -16.91 -11.62 8.52
C LYS B 51 -16.36 -13.04 8.56
N MET B 52 -15.66 -13.41 9.64
CA MET B 52 -15.09 -14.74 9.72
C MET B 52 -16.18 -15.82 9.75
N GLY B 53 -17.21 -15.63 10.58
CA GLY B 53 -18.29 -16.62 10.61
C GLY B 53 -19.04 -16.70 9.29
N SER B 54 -19.26 -15.56 8.65
CA SER B 54 -19.97 -15.54 7.37
C SER B 54 -19.15 -16.26 6.31
N ASP B 55 -17.83 -16.07 6.33
N ASP B 55 -17.83 -16.07 6.34
CA ASP B 55 -16.96 -16.76 5.38
CA ASP B 55 -16.94 -16.75 5.39
C ASP B 55 -16.99 -18.26 5.60
C ASP B 55 -16.96 -18.26 5.61
N LYS B 56 -17.05 -18.71 6.87
CA LYS B 56 -17.16 -20.15 7.12
C LYS B 56 -18.41 -20.71 6.46
N GLN B 57 -19.52 -19.96 6.54
CA GLN B 57 -20.77 -20.40 5.90
C GLN B 57 -20.64 -20.45 4.38
N SER B 58 -20.18 -19.35 3.79
CA SER B 58 -20.35 -19.18 2.35
C SER B 58 -19.24 -19.85 1.56
N ALA B 59 -18.06 -20.04 2.17
CA ALA B 59 -16.94 -20.64 1.47
C ALA B 59 -16.59 -22.03 1.96
N HIS B 60 -16.66 -22.30 3.27
CA HIS B 60 -16.22 -23.60 3.77
C HIS B 60 -17.37 -24.60 3.80
N MET B 61 -18.41 -24.31 4.58
CA MET B 61 -19.54 -25.21 4.68
C MET B 61 -20.20 -25.45 3.32
N SER B 62 -20.33 -24.39 2.50
CA SER B 62 -20.93 -24.57 1.17
C SER B 62 -20.14 -25.57 0.32
N ARG B 63 -18.81 -25.48 0.32
CA ARG B 63 -18.03 -26.42 -0.50
C ARG B 63 -18.18 -27.85 0.02
N LEU B 64 -18.22 -28.02 1.36
CA LEU B 64 -18.33 -29.37 1.92
C LEU B 64 -19.67 -30.02 1.58
N VAL B 65 -20.77 -29.30 1.78
CA VAL B 65 -22.06 -29.93 1.46
C VAL B 65 -22.21 -30.13 -0.06
N LYS B 66 -21.65 -29.27 -0.87
CA LYS B 66 -21.70 -29.47 -2.30
C LYS B 66 -20.94 -30.73 -2.69
N TYR B 67 -19.78 -30.94 -2.10
CA TYR B 67 -19.01 -32.15 -2.37
C TYR B 67 -19.76 -33.41 -1.95
N MET B 68 -20.35 -33.39 -0.76
CA MET B 68 -21.07 -34.57 -0.31
C MET B 68 -22.22 -34.91 -1.25
N MET B 69 -22.92 -33.88 -1.75
CA MET B 69 -23.98 -34.14 -2.73
C MET B 69 -23.43 -34.70 -4.03
N LYS B 70 -22.25 -34.22 -4.46
CA LYS B 70 -21.66 -34.75 -5.70
C LYS B 70 -21.44 -36.26 -5.63
N VAL B 71 -21.14 -36.78 -4.45
CA VAL B 71 -20.88 -38.21 -4.28
C VAL B 71 -22.00 -38.90 -3.50
N ASP B 72 -23.20 -38.31 -3.48
CA ASP B 72 -24.40 -38.91 -2.89
C ASP B 72 -24.20 -39.32 -1.43
N SER B 73 -23.41 -38.56 -0.69
CA SER B 73 -23.17 -38.85 0.73
C SER B 73 -23.97 -37.90 1.62
N ILE B 74 -24.15 -38.32 2.88
CA ILE B 74 -25.12 -37.69 3.78
C ILE B 74 -24.40 -36.82 4.80
N LEU B 75 -24.84 -35.57 4.92
CA LEU B 75 -24.32 -34.65 5.92
C LEU B 75 -25.11 -34.80 7.22
N LYS B 76 -24.42 -35.03 8.32
CA LYS B 76 -25.07 -35.12 9.62
C LYS B 76 -24.54 -34.03 10.53
N ILE B 77 -25.41 -33.13 10.95
CA ILE B 77 -25.05 -32.14 11.96
C ILE B 77 -25.24 -32.78 13.33
N ASN B 78 -24.29 -32.55 14.23
CA ASN B 78 -24.45 -33.07 15.58
C ASN B 78 -23.85 -32.07 16.57
N GLN B 79 -23.66 -32.53 17.81
CA GLN B 79 -23.24 -31.62 18.89
C GLN B 79 -21.82 -31.11 18.72
N ILE B 80 -21.00 -31.75 17.85
CA ILE B 80 -19.69 -31.20 17.50
C ILE B 80 -19.81 -29.74 17.08
N SER B 81 -20.91 -29.38 16.43
CA SER B 81 -21.09 -28.04 15.89
C SER B 81 -21.33 -26.98 16.96
N VAL B 82 -21.57 -27.37 18.21
CA VAL B 82 -21.96 -26.43 19.25
C VAL B 82 -20.72 -26.10 20.07
N PRO B 83 -20.23 -24.87 20.06
CA PRO B 83 -19.01 -24.56 20.82
C PRO B 83 -19.26 -24.52 22.32
N GLU B 84 -18.27 -24.95 23.09
CA GLU B 84 -18.35 -24.82 24.53
C GLU B 84 -17.95 -23.40 24.90
N LEU B 85 -18.85 -22.67 25.52
CA LEU B 85 -18.66 -21.25 25.81
C LEU B 85 -18.18 -21.08 27.25
N VAL B 86 -17.06 -20.38 27.39
CA VAL B 86 -16.61 -19.90 28.68
C VAL B 86 -16.96 -18.42 28.76
N SER B 87 -16.81 -17.84 29.95
CA SER B 87 -17.05 -16.41 30.10
C SER B 87 -15.82 -15.63 29.62
N PHE B 88 -16.08 -14.43 29.11
CA PHE B 88 -15.03 -13.54 28.64
C PHE B 88 -15.15 -12.20 29.35
N GLU B 89 -14.04 -11.74 29.92
CA GLU B 89 -14.05 -10.41 30.52
C GLU B 89 -13.26 -9.39 29.73
N THR B 90 -12.35 -9.82 28.86
CA THR B 90 -11.50 -8.93 28.10
C THR B 90 -11.47 -9.35 26.64
N ILE B 91 -11.11 -8.39 25.78
CA ILE B 91 -10.95 -8.69 24.37
C ILE B 91 -9.76 -9.61 24.13
N GLN B 92 -8.78 -9.62 25.04
CA GLN B 92 -7.69 -10.59 24.94
C GLN B 92 -8.22 -12.02 25.09
N GLU B 93 -9.11 -12.26 26.04
CA GLU B 93 -9.66 -13.61 26.21
C GLU B 93 -10.51 -14.02 25.02
N VAL B 94 -11.25 -13.07 24.46
CA VAL B 94 -12.00 -13.32 23.22
C VAL B 94 -11.06 -13.83 22.13
N LEU B 95 -9.95 -13.14 21.91
CA LEU B 95 -9.07 -13.57 20.82
C LEU B 95 -8.36 -14.88 21.14
N ASP B 96 -8.09 -15.15 22.43
CA ASP B 96 -7.53 -16.45 22.81
C ASP B 96 -8.45 -17.57 22.35
N ALA B 97 -9.75 -17.41 22.60
CA ALA B 97 -10.71 -18.43 22.24
C ALA B 97 -10.80 -18.59 20.72
N ALA B 98 -10.74 -17.47 19.99
CA ALA B 98 -10.82 -17.55 18.54
C ALA B 98 -9.59 -18.25 17.97
N LEU B 99 -8.42 -17.93 18.50
CA LEU B 99 -7.18 -18.57 18.04
C LEU B 99 -7.20 -20.07 18.30
N LYS B 100 -7.66 -20.48 19.50
CA LYS B 100 -7.76 -21.92 19.77
C LYS B 100 -8.73 -22.59 18.81
N MET B 101 -9.85 -21.92 18.53
CA MET B 101 -10.85 -22.50 17.63
C MET B 101 -10.27 -22.68 16.23
N GLU B 102 -9.68 -21.63 15.67
CA GLU B 102 -9.25 -21.74 14.27
C GLU B 102 -8.09 -22.71 14.15
N SER B 103 -7.27 -22.80 15.20
CA SER B 103 -6.23 -23.82 15.20
C SER B 103 -6.83 -25.22 15.13
N LYS B 104 -7.95 -25.45 15.81
CA LYS B 104 -8.61 -26.75 15.71
C LYS B 104 -9.22 -26.99 14.33
N VAL B 105 -9.72 -25.94 13.67
CA VAL B 105 -10.21 -26.10 12.31
C VAL B 105 -9.08 -26.62 11.42
N ARG B 106 -7.91 -26.00 11.54
CA ARG B 106 -6.75 -26.36 10.72
C ARG B 106 -6.29 -27.79 10.99
N GLU B 107 -6.34 -28.22 12.24
CA GLU B 107 -5.96 -29.59 12.57
C GLU B 107 -6.97 -30.58 11.98
N SER B 108 -8.25 -30.22 12.00
CA SER B 108 -9.29 -31.05 11.38
C SER B 108 -9.06 -31.21 9.88
N VAL B 109 -8.82 -30.09 9.17
CA VAL B 109 -8.49 -30.17 7.75
C VAL B 109 -7.33 -31.15 7.52
N LYS B 110 -6.26 -30.99 8.30
CA LYS B 110 -5.10 -31.85 8.12
C LYS B 110 -5.46 -33.31 8.33
N ASN B 111 -6.30 -33.60 9.33
N ASN B 111 -6.30 -33.60 9.33
CA ASN B 111 -6.67 -34.98 9.63
CA ASN B 111 -6.67 -34.98 9.64
C ASN B 111 -7.46 -35.60 8.48
C ASN B 111 -7.46 -35.60 8.48
N VAL B 112 -8.48 -34.90 7.98
CA VAL B 112 -9.26 -35.43 6.86
C VAL B 112 -8.38 -35.61 5.64
N THR B 113 -7.52 -34.64 5.36
CA THR B 113 -6.60 -34.71 4.23
C THR B 113 -5.70 -35.93 4.36
N GLU B 114 -5.09 -36.12 5.53
CA GLU B 114 -4.17 -37.23 5.71
C GLU B 114 -4.89 -38.58 5.59
N ILE B 115 -6.04 -38.72 6.26
CA ILE B 115 -6.73 -40.01 6.26
C ILE B 115 -7.30 -40.31 4.88
N SER B 116 -7.86 -39.32 4.18
CA SER B 116 -8.38 -39.61 2.84
C SER B 116 -7.25 -40.06 1.91
N LEU B 117 -6.07 -39.43 2.01
CA LEU B 117 -4.96 -39.87 1.16
C LEU B 117 -4.54 -41.30 1.48
N LEU B 118 -4.39 -41.61 2.77
CA LEU B 118 -3.98 -42.95 3.19
C LEU B 118 -4.98 -43.99 2.73
N ALA B 119 -6.27 -43.64 2.74
CA ALA B 119 -7.33 -44.54 2.29
C ALA B 119 -7.47 -44.60 0.77
N LYS B 120 -6.66 -43.87 0.02
CA LYS B 120 -6.74 -43.80 -1.45
C LYS B 120 -8.08 -43.21 -1.92
N ASP B 121 -8.69 -42.34 -1.11
CA ASP B 121 -9.84 -41.57 -1.56
C ASP B 121 -9.31 -40.28 -2.15
N PHE B 122 -8.89 -40.37 -3.42
CA PHE B 122 -8.30 -39.22 -4.07
C PHE B 122 -9.31 -38.11 -4.33
N GLU B 123 -10.60 -38.47 -4.49
CA GLU B 123 -11.64 -37.45 -4.65
C GLU B 123 -11.76 -36.58 -3.40
N THR B 124 -11.73 -37.19 -2.23
CA THR B 124 -11.80 -36.37 -1.02
C THR B 124 -10.50 -35.62 -0.81
N PHE B 125 -9.36 -36.26 -1.09
CA PHE B 125 -8.08 -35.57 -0.97
C PHE B 125 -8.05 -34.32 -1.86
N GLU B 126 -8.55 -34.44 -3.08
CA GLU B 126 -8.56 -33.29 -3.98
C GLU B 126 -9.45 -32.18 -3.43
N ARG B 127 -10.64 -32.53 -2.93
CA ARG B 127 -11.54 -31.50 -2.39
C ARG B 127 -10.93 -30.81 -1.18
N MET B 128 -10.12 -31.52 -0.41
CA MET B 128 -9.56 -30.91 0.79
C MET B 128 -8.43 -29.93 0.47
N GLN B 129 -7.87 -29.95 -0.73
CA GLN B 129 -6.75 -29.06 -1.04
C GLN B 129 -7.14 -27.58 -0.89
N TRP B 130 -8.36 -27.21 -1.29
CA TRP B 130 -8.80 -25.82 -1.08
C TRP B 130 -8.75 -25.46 0.40
N PHE B 131 -9.17 -26.39 1.26
CA PHE B 131 -9.18 -26.15 2.70
C PHE B 131 -7.77 -26.10 3.27
N VAL B 132 -6.86 -26.94 2.75
CA VAL B 132 -5.48 -26.86 3.23
C VAL B 132 -4.95 -25.45 3.05
N LYS B 133 -5.18 -24.88 1.86
CA LYS B 133 -4.67 -23.54 1.58
C LYS B 133 -5.43 -22.49 2.37
N ASP B 134 -6.77 -22.59 2.39
CA ASP B 134 -7.51 -21.53 3.04
C ASP B 134 -7.41 -21.58 4.55
N SER B 135 -7.20 -22.76 5.16
CA SER B 135 -7.01 -22.79 6.62
C SER B 135 -5.82 -21.96 7.05
N ILE B 136 -4.76 -21.92 6.25
CA ILE B 136 -3.64 -21.02 6.54
C ILE B 136 -4.12 -19.58 6.60
N GLU B 137 -4.90 -19.17 5.59
CA GLU B 137 -5.37 -17.80 5.52
C GLU B 137 -6.21 -17.45 6.74
N ASP B 138 -7.18 -18.32 7.07
CA ASP B 138 -8.06 -18.00 8.19
C ASP B 138 -7.29 -17.94 9.50
N LEU B 139 -6.37 -18.89 9.70
CA LEU B 139 -5.57 -18.85 10.93
C LEU B 139 -4.70 -17.61 10.98
N GLU B 140 -4.13 -17.20 9.85
CA GLU B 140 -3.35 -15.96 9.82
C GLU B 140 -4.20 -14.75 10.20
N GLU B 141 -5.42 -14.68 9.69
CA GLU B 141 -6.28 -13.53 9.98
C GLU B 141 -6.57 -13.43 11.47
N ILE B 142 -6.91 -14.55 12.09
CA ILE B 142 -7.23 -14.50 13.51
C ILE B 142 -5.97 -14.26 14.33
N SER B 143 -4.86 -14.89 13.94
N SER B 143 -4.85 -14.88 13.94
CA SER B 143 -3.60 -14.71 14.65
CA SER B 143 -3.63 -14.68 14.71
C SER B 143 -3.13 -13.26 14.58
C SER B 143 -3.08 -13.27 14.57
N ASP B 144 -3.36 -12.60 13.45
CA ASP B 144 -2.98 -11.19 13.32
C ASP B 144 -3.77 -10.33 14.31
N VAL B 145 -5.08 -10.55 14.41
CA VAL B 145 -5.87 -9.80 15.39
C VAL B 145 -5.45 -10.18 16.80
N TRP B 146 -5.15 -11.46 17.05
CA TRP B 146 -4.60 -11.86 18.33
C TRP B 146 -3.35 -11.05 18.67
N THR B 147 -2.45 -10.91 17.69
CA THR B 147 -1.23 -10.13 17.89
C THR B 147 -1.54 -8.68 18.24
N TYR B 148 -2.50 -8.07 17.54
CA TYR B 148 -2.86 -6.68 17.85
C TYR B 148 -3.35 -6.54 19.28
N VAL B 149 -4.28 -7.38 19.70
CA VAL B 149 -4.87 -7.13 21.02
C VAL B 149 -3.93 -7.55 22.15
N HIS B 150 -2.92 -8.37 21.86
CA HIS B 150 -1.97 -8.77 22.89
C HIS B 150 -0.68 -7.95 22.89
N SER B 151 -0.52 -7.00 21.98
CA SER B 151 0.71 -6.23 21.97
C SER B 151 0.79 -5.28 23.17
N PRO B 152 1.98 -5.05 23.70
CA PRO B 152 2.12 -4.14 24.86
C PRO B 152 1.68 -2.72 24.54
N ASN B 153 1.02 -2.14 25.51
N ASN B 153 1.02 -2.11 25.50
CA ASN B 153 0.76 -0.72 25.51
CA ASN B 153 0.82 -0.68 25.50
C ASN B 153 -0.22 -0.20 24.46
C ASN B 153 -0.20 -0.19 24.45
N VAL B 154 -1.05 -1.06 23.93
CA VAL B 154 -2.05 -0.65 22.93
C VAL B 154 -3.33 -0.31 23.69
N ASN B 155 -4.14 0.55 23.10
CA ASN B 155 -5.39 0.94 23.68
C ASN B 155 -6.61 0.52 22.83
N LEU B 156 -7.80 0.73 23.33
CA LEU B 156 -8.98 0.28 22.58
C LEU B 156 -9.04 0.92 21.21
N ILE B 157 -8.68 2.20 21.11
CA ILE B 157 -8.76 2.87 19.82
C ILE B 157 -7.73 2.32 18.85
N ASN B 158 -6.56 1.98 19.35
CA ASN B 158 -5.54 1.39 18.54
C ASN B 158 -6.09 0.10 17.90
N ILE B 159 -6.58 -0.80 18.73
CA ILE B 159 -7.13 -2.08 18.27
C ILE B 159 -8.22 -1.85 17.24
N GLU B 160 -9.19 -0.98 17.56
CA GLU B 160 -10.31 -0.73 16.66
C GLU B 160 -9.85 -0.19 15.31
N ASN B 161 -8.92 0.72 15.33
CA ASN B 161 -8.45 1.29 14.11
C ASN B 161 -7.77 0.29 13.20
N ILE B 162 -6.88 -0.52 13.72
CA ILE B 162 -6.15 -1.42 12.84
C ILE B 162 -7.03 -2.58 12.39
N VAL B 163 -7.92 -3.06 13.26
CA VAL B 163 -8.83 -4.13 12.84
C VAL B 163 -9.79 -3.59 11.78
N GLY B 164 -10.19 -2.32 11.90
CA GLY B 164 -11.03 -1.72 10.87
C GLY B 164 -10.44 -1.80 9.48
N LYS B 165 -9.11 -1.78 9.37
CA LYS B 165 -8.46 -1.92 8.06
C LYS B 165 -8.60 -3.33 7.47
N LYS B 166 -8.91 -4.34 8.27
CA LYS B 166 -9.13 -5.68 7.75
C LYS B 166 -10.52 -5.89 7.20
N LEU B 167 -11.41 -4.90 7.31
CA LEU B 167 -12.77 -5.04 6.83
C LEU B 167 -12.92 -4.40 5.45
N SER C 4 5.26 -19.63 17.24
CA SER C 4 4.18 -19.41 16.28
C SER C 4 3.06 -20.45 16.35
N VAL C 5 1.83 -19.98 16.15
CA VAL C 5 0.69 -20.89 16.11
C VAL C 5 0.77 -21.85 14.93
N PHE C 6 1.59 -21.55 13.92
CA PHE C 6 1.61 -22.44 12.76
C PHE C 6 2.44 -23.70 13.01
N ASN C 7 3.45 -23.62 13.87
CA ASN C 7 4.14 -24.82 14.33
C ASN C 7 4.66 -25.65 13.16
N LYS C 8 5.35 -24.98 12.23
CA LYS C 8 5.88 -25.67 11.06
C LYS C 8 7.15 -26.43 11.44
N ASP C 9 7.41 -27.50 10.69
CA ASP C 9 8.65 -28.27 10.84
C ASP C 9 9.79 -27.48 10.20
N GLU C 10 10.74 -27.01 11.01
CA GLU C 10 11.79 -26.17 10.44
C GLU C 10 12.65 -26.93 9.43
N ARG C 11 12.68 -28.26 9.51
CA ARG C 11 13.42 -29.01 8.51
C ARG C 11 12.77 -28.88 7.13
N ILE C 12 11.44 -28.91 7.09
CA ILE C 12 10.74 -28.72 5.82
C ILE C 12 10.82 -27.27 5.38
N MET C 13 10.68 -26.33 6.31
CA MET C 13 10.77 -24.92 5.92
C MET C 13 12.17 -24.58 5.43
N ASP C 14 13.21 -25.19 5.99
CA ASP C 14 14.56 -25.02 5.45
C ASP C 14 14.66 -25.54 4.01
N LEU C 15 13.92 -26.59 3.67
CA LEU C 15 13.89 -27.05 2.28
C LEU C 15 13.20 -26.04 1.37
N VAL C 16 12.13 -25.42 1.87
CA VAL C 16 11.47 -24.37 1.08
C VAL C 16 12.44 -23.22 0.83
N SER C 17 13.12 -22.79 1.89
CA SER C 17 14.12 -21.75 1.76
C SER C 17 15.23 -22.15 0.79
N LYS C 18 15.66 -23.41 0.83
CA LYS C 18 16.66 -23.88 -0.13
C LYS C 18 16.14 -23.83 -1.55
N HIS C 19 14.88 -24.22 -1.75
CA HIS C 19 14.37 -24.14 -3.11
C HIS C 19 14.28 -22.70 -3.59
N TYR C 20 13.96 -21.76 -2.69
CA TYR C 20 14.05 -20.35 -3.09
C TYR C 20 15.45 -20.02 -3.60
N ASN C 21 16.49 -20.51 -2.91
CA ASN C 21 17.85 -20.26 -3.37
C ASN C 21 18.14 -20.92 -4.71
N VAL C 22 17.51 -22.06 -5.01
CA VAL C 22 17.72 -22.71 -6.29
C VAL C 22 17.05 -21.91 -7.42
N GLU C 23 15.86 -21.36 -7.17
CA GLU C 23 15.22 -20.51 -8.17
C GLU C 23 16.01 -19.23 -8.39
N LEU C 24 16.56 -18.66 -7.31
CA LEU C 24 17.38 -17.47 -7.43
C LEU C 24 18.69 -17.77 -8.12
N CYS C 25 19.29 -18.94 -7.82
CA CYS C 25 20.46 -19.38 -8.58
C CYS C 25 20.16 -19.42 -10.07
N ALA C 26 19.00 -19.97 -10.45
CA ALA C 26 18.62 -19.98 -11.86
C ALA C 26 18.45 -18.55 -12.41
N ALA C 27 17.74 -17.69 -11.68
CA ALA C 27 17.60 -16.30 -12.12
C ALA C 27 18.97 -15.65 -12.30
N ASN C 28 19.84 -15.80 -11.31
CA ASN C 28 21.19 -15.23 -11.39
C ASN C 28 21.95 -15.76 -12.58
N LEU C 29 21.84 -17.07 -12.85
CA LEU C 29 22.49 -17.63 -14.03
C LEU C 29 21.89 -17.04 -15.31
N TYR C 30 20.56 -16.92 -15.37
CA TYR C 30 19.94 -16.44 -16.61
C TYR C 30 20.31 -14.99 -16.88
N PHE C 31 20.42 -14.14 -15.85
CA PHE C 31 20.84 -12.77 -16.14
C PHE C 31 22.29 -12.73 -16.59
N HIS C 32 23.15 -13.57 -16.01
CA HIS C 32 24.50 -13.77 -16.55
C HIS C 32 24.47 -14.21 -18.01
N LEU C 33 23.71 -15.26 -18.31
CA LEU C 33 23.70 -15.79 -19.68
C LEU C 33 23.07 -14.81 -20.66
N ALA C 34 22.19 -13.92 -20.18
CA ALA C 34 21.70 -12.86 -21.06
C ALA C 34 22.84 -12.01 -21.55
N THR C 35 23.73 -11.58 -20.65
CA THR C 35 24.86 -10.74 -21.07
C THR C 35 25.84 -11.53 -21.94
N VAL C 36 26.06 -12.82 -21.66
CA VAL C 36 26.93 -13.63 -22.51
C VAL C 36 26.33 -13.79 -23.89
N SER C 37 25.05 -14.17 -23.96
CA SER C 37 24.36 -14.30 -25.24
C SER C 37 24.46 -13.03 -26.07
N LYS C 38 24.21 -11.88 -25.43
CA LYS C 38 24.29 -10.60 -26.13
C LYS C 38 25.69 -10.40 -26.71
N ALA C 39 26.72 -10.64 -25.91
CA ALA C 39 28.10 -10.45 -26.36
C ALA C 39 28.45 -11.41 -27.48
N LEU C 40 27.80 -12.57 -27.54
CA LEU C 40 28.02 -13.50 -28.64
C LEU C 40 27.23 -13.12 -29.89
N GLY C 41 26.42 -12.07 -29.84
CA GLY C 41 25.69 -11.60 -30.99
C GLY C 41 24.22 -11.97 -31.02
N TYR C 42 23.67 -12.51 -29.92
CA TYR C 42 22.32 -13.08 -29.94
C TYR C 42 21.41 -12.20 -29.08
N ASP C 43 20.93 -11.11 -29.69
N ASP C 43 20.87 -11.10 -29.78
CA ASP C 43 20.06 -10.16 -29.00
CA ASP C 43 20.01 -10.15 -29.08
C ASP C 43 18.76 -10.82 -28.49
C ASP C 43 18.71 -10.81 -28.58
N ASN C 44 18.14 -11.67 -29.31
CA ASN C 44 16.87 -12.25 -28.91
C ASN C 44 17.05 -13.35 -27.88
N VAL C 45 18.10 -14.15 -28.02
CA VAL C 45 18.42 -15.12 -26.96
C VAL C 45 18.68 -14.40 -25.64
N ALA C 46 19.38 -13.27 -25.70
CA ALA C 46 19.62 -12.49 -24.48
C ALA C 46 18.30 -12.04 -23.84
N ALA C 47 17.37 -11.53 -24.66
CA ALA C 47 16.06 -11.13 -24.15
C ALA C 47 15.30 -12.32 -23.60
N PHE C 48 15.46 -13.48 -24.23
CA PHE C 48 14.85 -14.70 -23.70
C PHE C 48 15.34 -14.99 -22.29
N PHE C 49 16.65 -14.83 -22.05
CA PHE C 49 17.17 -15.10 -20.71
C PHE C 49 16.73 -14.05 -19.70
N VAL C 50 16.63 -12.79 -20.12
CA VAL C 50 16.05 -11.76 -19.24
C VAL C 50 14.63 -12.12 -18.85
N LYS C 51 13.85 -12.62 -19.82
CA LYS C 51 12.48 -13.02 -19.53
C LYS C 51 12.44 -14.16 -18.52
N MET C 52 13.28 -15.18 -18.72
CA MET C 52 13.32 -16.33 -17.83
C MET C 52 13.74 -15.92 -16.42
N GLY C 53 14.78 -15.08 -16.31
CA GLY C 53 15.18 -14.62 -14.99
C GLY C 53 14.12 -13.77 -14.30
N SER C 54 13.49 -12.85 -15.06
CA SER C 54 12.44 -12.03 -14.45
C SER C 54 11.27 -12.89 -14.01
N ASP C 55 10.95 -13.94 -14.73
CA ASP C 55 9.86 -14.85 -14.37
C ASP C 55 10.19 -15.55 -13.07
N LYS C 56 11.42 -16.00 -12.93
CA LYS C 56 11.81 -16.62 -11.66
C LYS C 56 11.57 -15.67 -10.49
N GLN C 57 11.89 -14.40 -10.68
CA GLN C 57 11.65 -13.42 -9.62
C GLN C 57 10.17 -13.22 -9.33
N SER C 58 9.40 -12.88 -10.37
CA SER C 58 8.06 -12.38 -10.17
C SER C 58 7.06 -13.49 -9.89
N ALA C 59 7.32 -14.71 -10.36
CA ALA C 59 6.37 -15.81 -10.22
C ALA C 59 6.84 -16.88 -9.26
N HIS C 60 8.13 -17.23 -9.24
CA HIS C 60 8.61 -18.33 -8.40
C HIS C 60 9.05 -17.83 -7.02
N MET C 61 10.05 -16.96 -6.99
CA MET C 61 10.54 -16.46 -5.69
C MET C 61 9.44 -15.73 -4.94
N SER C 62 8.59 -14.97 -5.63
CA SER C 62 7.51 -14.25 -4.96
C SER C 62 6.56 -15.21 -4.24
N ARG C 63 6.16 -16.30 -4.90
CA ARG C 63 5.26 -17.25 -4.24
C ARG C 63 5.93 -17.91 -3.04
N LEU C 64 7.24 -18.18 -3.14
CA LEU C 64 7.91 -18.87 -2.04
C LEU C 64 8.02 -17.96 -0.81
N VAL C 65 8.43 -16.71 -0.99
CA VAL C 65 8.56 -15.84 0.18
C VAL C 65 7.17 -15.54 0.76
N LYS C 66 6.14 -15.45 -0.08
CA LYS C 66 4.80 -15.20 0.41
C LYS C 66 4.27 -16.37 1.23
N TYR C 67 4.58 -17.60 0.78
CA TYR C 67 4.18 -18.78 1.55
C TYR C 67 4.88 -18.83 2.90
N MET C 68 6.19 -18.55 2.93
CA MET C 68 6.91 -18.59 4.21
C MET C 68 6.32 -17.59 5.20
N MET C 69 5.96 -16.39 4.73
CA MET C 69 5.35 -15.40 5.60
C MET C 69 3.97 -15.84 6.09
N LYS C 70 3.19 -16.52 5.24
CA LYS C 70 1.90 -17.04 5.69
C LYS C 70 2.05 -17.94 6.92
N VAL C 71 3.13 -18.73 6.97
CA VAL C 71 3.33 -19.66 8.06
C VAL C 71 4.43 -19.19 9.02
N ASP C 72 4.73 -17.89 9.04
CA ASP C 72 5.63 -17.28 10.01
C ASP C 72 7.04 -17.88 9.97
N SER C 73 7.51 -18.33 8.81
CA SER C 73 8.83 -18.95 8.72
C SER C 73 9.83 -18.05 8.01
N ILE C 74 11.11 -18.36 8.19
CA ILE C 74 12.20 -17.44 7.90
C ILE C 74 12.90 -17.87 6.61
N LEU C 75 13.01 -16.94 5.68
CA LEU C 75 13.74 -17.18 4.42
C LEU C 75 15.21 -16.86 4.63
N LYS C 76 16.08 -17.82 4.30
CA LYS C 76 17.51 -17.64 4.47
C LYS C 76 18.18 -17.73 3.11
N ILE C 77 18.79 -16.63 2.67
CA ILE C 77 19.55 -16.62 1.42
C ILE C 77 20.99 -17.02 1.73
N ASN C 78 21.56 -17.90 0.93
CA ASN C 78 22.95 -18.30 1.17
C ASN C 78 23.63 -18.60 -0.15
N GLN C 79 24.79 -19.28 -0.08
CA GLN C 79 25.64 -19.54 -1.23
C GLN C 79 24.99 -20.39 -2.28
N ILE C 80 23.95 -21.14 -1.94
CA ILE C 80 23.22 -21.92 -2.94
C ILE C 80 22.76 -21.03 -4.08
N SER C 81 22.52 -19.75 -3.78
CA SER C 81 21.94 -18.84 -4.76
C SER C 81 22.93 -18.32 -5.78
N VAL C 82 24.22 -18.62 -5.63
CA VAL C 82 25.26 -18.05 -6.48
C VAL C 82 25.68 -19.13 -7.48
N PRO C 83 25.44 -18.95 -8.78
CA PRO C 83 25.76 -20.01 -9.73
C PRO C 83 27.27 -20.17 -9.90
N GLU C 84 27.68 -21.41 -10.08
CA GLU C 84 29.05 -21.74 -10.49
C GLU C 84 29.21 -21.38 -11.95
N LEU C 85 30.01 -20.35 -12.23
CA LEU C 85 30.18 -19.87 -13.59
C LEU C 85 31.39 -20.51 -14.26
N VAL C 86 31.20 -20.92 -15.51
CA VAL C 86 32.26 -21.40 -16.37
C VAL C 86 32.36 -20.48 -17.58
N SER C 87 33.44 -20.64 -18.33
CA SER C 87 33.64 -19.87 -19.54
C SER C 87 32.74 -20.40 -20.65
N PHE C 88 32.16 -19.48 -21.43
CA PHE C 88 31.35 -19.85 -22.58
C PHE C 88 31.96 -19.26 -23.84
N GLU C 89 32.20 -20.10 -24.83
CA GLU C 89 32.67 -19.63 -26.12
C GLU C 89 31.61 -19.66 -27.20
N THR C 90 30.52 -20.42 -27.02
CA THR C 90 29.51 -20.57 -28.06
C THR C 90 28.11 -20.48 -27.44
N ILE C 91 27.14 -20.13 -28.29
CA ILE C 91 25.76 -20.09 -27.83
C ILE C 91 25.27 -21.49 -27.46
N GLN C 92 25.86 -22.53 -28.07
CA GLN C 92 25.54 -23.90 -27.67
C GLN C 92 25.95 -24.17 -26.23
N GLU C 93 27.14 -23.71 -25.83
CA GLU C 93 27.56 -23.89 -24.44
C GLU C 93 26.67 -23.11 -23.49
N VAL C 94 26.22 -21.93 -23.91
CA VAL C 94 25.30 -21.16 -23.08
C VAL C 94 24.03 -21.96 -22.82
N LEU C 95 23.44 -22.54 -23.87
CA LEU C 95 22.19 -23.26 -23.65
C LEU C 95 22.40 -24.54 -22.88
N ASP C 96 23.55 -25.20 -23.04
CA ASP C 96 23.90 -26.35 -22.20
C ASP C 96 23.81 -26.00 -20.73
N ALA C 97 24.41 -24.86 -20.35
CA ALA C 97 24.39 -24.45 -18.96
C ALA C 97 22.96 -24.19 -18.49
N ALA C 98 22.16 -23.53 -19.34
CA ALA C 98 20.80 -23.21 -18.95
C ALA C 98 19.95 -24.48 -18.80
N LEU C 99 20.14 -25.44 -19.71
CA LEU C 99 19.38 -26.68 -19.60
C LEU C 99 19.74 -27.44 -18.33
N LYS C 100 21.02 -27.49 -17.98
CA LYS C 100 21.41 -28.14 -16.73
C LYS C 100 20.80 -27.42 -15.54
N MET C 101 20.81 -26.08 -15.56
CA MET C 101 20.27 -25.32 -14.44
C MET C 101 18.78 -25.59 -14.25
N GLU C 102 18.00 -25.47 -15.34
CA GLU C 102 16.56 -25.63 -15.16
C GLU C 102 16.22 -27.07 -14.79
N SER C 103 17.00 -28.05 -15.27
CA SER C 103 16.81 -29.43 -14.83
C SER C 103 17.00 -29.53 -13.32
N LYS C 104 17.98 -28.81 -12.78
CA LYS C 104 18.19 -28.80 -11.33
C LYS C 104 17.03 -28.15 -10.60
N VAL C 105 16.47 -27.06 -11.15
CA VAL C 105 15.30 -26.46 -10.52
C VAL C 105 14.17 -27.48 -10.41
N ARG C 106 13.89 -28.17 -11.51
CA ARG C 106 12.81 -29.15 -11.54
C ARG C 106 13.06 -30.28 -10.54
N GLU C 107 14.30 -30.75 -10.45
CA GLU C 107 14.62 -31.79 -9.47
C GLU C 107 14.44 -31.30 -8.05
N SER C 108 14.81 -30.04 -7.80
CA SER C 108 14.60 -29.45 -6.48
C SER C 108 13.12 -29.35 -6.14
N VAL C 109 12.29 -28.95 -7.11
CA VAL C 109 10.84 -28.90 -6.86
C VAL C 109 10.35 -30.26 -6.42
N LYS C 110 10.74 -31.30 -7.15
CA LYS C 110 10.28 -32.65 -6.84
C LYS C 110 10.74 -33.09 -5.46
N ASN C 111 11.98 -32.74 -5.09
N ASN C 111 11.97 -32.72 -5.08
CA ASN C 111 12.49 -33.09 -3.76
CA ASN C 111 12.50 -33.09 -3.77
C ASN C 111 11.61 -32.50 -2.67
C ASN C 111 11.67 -32.49 -2.64
N VAL C 112 11.40 -31.17 -2.71
CA VAL C 112 10.56 -30.54 -1.68
C VAL C 112 9.16 -31.13 -1.68
N THR C 113 8.58 -31.33 -2.87
CA THR C 113 7.25 -31.90 -2.97
C THR C 113 7.20 -33.28 -2.31
N GLU C 114 8.14 -34.17 -2.68
CA GLU C 114 8.10 -35.53 -2.15
C GLU C 114 8.35 -35.56 -0.65
N ILE C 115 9.33 -34.79 -0.17
CA ILE C 115 9.69 -34.84 1.25
C ILE C 115 8.59 -34.23 2.11
N SER C 116 8.01 -33.11 1.66
CA SER C 116 6.94 -32.50 2.45
C SER C 116 5.74 -33.45 2.57
N LEU C 117 5.38 -34.13 1.48
CA LEU C 117 4.26 -35.08 1.55
C LEU C 117 4.56 -36.21 2.52
N LEU C 118 5.77 -36.78 2.43
CA LEU C 118 6.17 -37.86 3.34
C LEU C 118 6.12 -37.40 4.79
N ALA C 119 6.48 -36.15 5.05
CA ALA C 119 6.44 -35.59 6.39
C ALA C 119 5.05 -35.15 6.82
N LYS C 120 4.02 -35.36 5.99
CA LYS C 120 2.65 -34.91 6.27
C LYS C 120 2.57 -33.38 6.42
N ASP C 121 3.45 -32.65 5.73
CA ASP C 121 3.29 -31.21 5.63
C ASP C 121 2.46 -30.95 4.37
N PHE C 122 1.14 -31.07 4.55
CA PHE C 122 0.23 -30.94 3.42
C PHE C 122 0.14 -29.49 2.92
N GLU C 123 0.37 -28.52 3.82
CA GLU C 123 0.40 -27.13 3.38
C GLU C 123 1.55 -26.88 2.41
N THR C 124 2.74 -27.42 2.71
CA THR C 124 3.86 -27.23 1.79
C THR C 124 3.67 -28.03 0.51
N PHE C 125 3.16 -29.27 0.63
CA PHE C 125 2.84 -30.04 -0.56
C PHE C 125 1.86 -29.29 -1.47
N GLU C 126 0.85 -28.65 -0.87
CA GLU C 126 -0.12 -27.92 -1.67
C GLU C 126 0.54 -26.74 -2.39
N ARG C 127 1.37 -25.98 -1.66
CA ARG C 127 2.02 -24.82 -2.26
C ARG C 127 2.98 -25.24 -3.38
N MET C 128 3.56 -26.43 -3.28
CA MET C 128 4.48 -26.86 -4.33
C MET C 128 3.78 -27.29 -5.60
N GLN C 129 2.46 -27.52 -5.59
CA GLN C 129 1.80 -27.99 -6.81
C GLN C 129 1.93 -26.99 -7.96
N TRP C 130 1.86 -25.69 -7.67
CA TRP C 130 2.06 -24.69 -8.73
C TRP C 130 3.43 -24.84 -9.36
N PHE C 131 4.44 -25.15 -8.53
CA PHE C 131 5.82 -25.32 -8.98
C PHE C 131 5.98 -26.63 -9.75
N VAL C 132 5.30 -27.71 -9.32
CA VAL C 132 5.34 -28.95 -10.08
C VAL C 132 4.91 -28.68 -11.52
N LYS C 133 3.79 -27.96 -11.67
CA LYS C 133 3.26 -27.69 -13.00
C LYS C 133 4.14 -26.72 -13.77
N ASP C 134 4.56 -25.63 -13.14
CA ASP C 134 5.30 -24.62 -13.90
C ASP C 134 6.73 -25.03 -14.21
N SER C 135 7.35 -25.89 -13.38
CA SER C 135 8.68 -26.36 -13.74
C SER C 135 8.69 -27.08 -15.08
N ILE C 136 7.62 -27.78 -15.42
CA ILE C 136 7.52 -28.38 -16.75
C ILE C 136 7.60 -27.31 -17.82
N GLU C 137 6.84 -26.22 -17.64
CA GLU C 137 6.79 -25.16 -18.63
C GLU C 137 8.15 -24.51 -18.81
N ASP C 138 8.84 -24.21 -17.68
CA ASP C 138 10.12 -23.55 -17.76
C ASP C 138 11.17 -24.45 -18.41
N LEU C 139 11.16 -25.74 -18.05
CA LEU C 139 12.10 -26.64 -18.70
C LEU C 139 11.79 -26.80 -20.17
N GLU C 140 10.52 -26.84 -20.53
CA GLU C 140 10.18 -26.92 -21.94
C GLU C 140 10.71 -25.71 -22.70
N GLU C 141 10.57 -24.54 -22.14
CA GLU C 141 11.02 -23.34 -22.78
C GLU C 141 12.53 -23.35 -23.03
N ILE C 142 13.28 -23.73 -22.02
CA ILE C 142 14.74 -23.77 -22.19
C ILE C 142 15.14 -24.91 -23.09
N SER C 143 14.47 -26.06 -22.96
CA SER C 143 14.72 -27.18 -23.85
C SER C 143 14.45 -26.84 -25.32
N ASP C 144 13.39 -26.08 -25.59
CA ASP C 144 13.10 -25.67 -26.97
C ASP C 144 14.24 -24.84 -27.54
N VAL C 145 14.74 -23.87 -26.78
CA VAL C 145 15.83 -23.05 -27.29
C VAL C 145 17.11 -23.89 -27.44
N TRP C 146 17.34 -24.82 -26.52
CA TRP C 146 18.46 -25.75 -26.65
C TRP C 146 18.38 -26.51 -27.96
N THR C 147 17.19 -27.01 -28.28
CA THR C 147 16.96 -27.73 -29.54
C THR C 147 17.27 -26.85 -30.75
N TYR C 148 16.81 -25.59 -30.74
CA TYR C 148 17.07 -24.72 -31.89
C TYR C 148 18.57 -24.51 -32.09
N VAL C 149 19.30 -24.23 -31.00
CA VAL C 149 20.71 -23.89 -31.16
C VAL C 149 21.56 -25.12 -31.45
N HIS C 150 21.07 -26.30 -31.12
CA HIS C 150 21.83 -27.52 -31.39
C HIS C 150 21.40 -28.23 -32.66
N SER C 151 20.43 -27.71 -33.40
CA SER C 151 19.98 -28.40 -34.60
C SER C 151 21.04 -28.28 -35.71
N PRO C 152 21.19 -29.31 -36.54
CA PRO C 152 22.17 -29.26 -37.62
C PRO C 152 21.90 -28.13 -38.61
N ASN C 153 22.93 -27.43 -39.00
N ASN C 153 22.98 -27.44 -38.99
CA ASN C 153 22.91 -26.55 -40.15
CA ASN C 153 22.99 -26.58 -40.17
C ASN C 153 22.10 -25.29 -39.94
C ASN C 153 22.23 -25.25 -39.95
N VAL C 154 22.02 -24.84 -38.71
CA VAL C 154 21.31 -23.57 -38.46
C VAL C 154 22.37 -22.49 -38.35
N ASN C 155 21.96 -21.27 -38.65
CA ASN C 155 22.82 -20.12 -38.55
C ASN C 155 22.37 -19.10 -37.47
N LEU C 156 23.15 -18.09 -37.22
CA LEU C 156 22.80 -17.17 -36.14
C LEU C 156 21.44 -16.52 -36.38
N ILE C 157 21.16 -16.18 -37.65
CA ILE C 157 19.92 -15.49 -37.97
C ILE C 157 18.73 -16.43 -37.75
N ASN C 158 18.89 -17.69 -38.07
CA ASN C 158 17.85 -18.65 -37.86
C ASN C 158 17.49 -18.70 -36.38
N ILE C 159 18.50 -18.86 -35.55
CA ILE C 159 18.31 -18.92 -34.11
C ILE C 159 17.63 -17.65 -33.61
N GLU C 160 18.16 -16.49 -34.01
CA GLU C 160 17.58 -15.24 -33.54
C GLU C 160 16.11 -15.10 -33.95
N ASN C 161 15.78 -15.47 -35.19
CA ASN C 161 14.40 -15.31 -35.66
C ASN C 161 13.44 -16.20 -34.86
N ILE C 162 13.79 -17.46 -34.65
CA ILE C 162 12.81 -18.31 -34.00
C ILE C 162 12.72 -18.01 -32.50
N VAL C 163 13.83 -17.64 -31.86
CA VAL C 163 13.76 -17.29 -30.44
C VAL C 163 12.99 -16.00 -30.25
N GLY C 164 13.10 -15.07 -31.20
CA GLY C 164 12.30 -13.85 -31.16
C GLY C 164 10.81 -14.12 -31.05
N LYS C 165 10.34 -15.23 -31.61
CA LYS C 165 8.93 -15.59 -31.54
C LYS C 165 8.49 -15.98 -30.14
N LYS C 166 9.43 -16.29 -29.23
CA LYS C 166 9.10 -16.66 -27.86
C LYS C 166 8.95 -15.45 -26.94
N LEU C 167 9.26 -14.25 -27.43
CA LEU C 167 9.22 -13.07 -26.59
C LEU C 167 7.86 -12.37 -26.66
N SER D 4 34.67 -6.20 -28.78
CA SER D 4 33.44 -5.46 -29.05
C SER D 4 33.73 -4.04 -29.55
N VAL D 5 32.84 -3.52 -30.40
CA VAL D 5 32.99 -2.16 -30.88
C VAL D 5 32.84 -1.14 -29.75
N PHE D 6 32.26 -1.52 -28.61
CA PHE D 6 32.06 -0.56 -27.53
C PHE D 6 33.31 -0.35 -26.70
N ASN D 7 34.11 -1.40 -26.53
CA ASN D 7 35.45 -1.28 -25.96
C ASN D 7 35.39 -0.60 -24.58
N LYS D 8 34.49 -1.11 -23.74
CA LYS D 8 34.38 -0.59 -22.39
C LYS D 8 35.58 -1.08 -21.56
N ASP D 9 35.94 -0.30 -20.54
N ASP D 9 35.88 -0.32 -20.51
CA ASP D 9 37.04 -0.73 -19.69
CA ASP D 9 36.94 -0.67 -19.58
C ASP D 9 36.55 -1.75 -18.67
C ASP D 9 36.49 -1.79 -18.66
N GLU D 10 37.28 -2.86 -18.59
CA GLU D 10 36.87 -3.99 -17.75
C GLU D 10 36.76 -3.63 -16.27
N ARG D 11 37.61 -2.73 -15.77
CA ARG D 11 37.52 -2.37 -14.36
C ARG D 11 36.23 -1.61 -14.07
N ILE D 12 35.83 -0.72 -14.97
CA ILE D 12 34.57 0.00 -14.77
C ILE D 12 33.39 -0.96 -14.90
N MET D 13 33.42 -1.82 -15.92
CA MET D 13 32.29 -2.75 -16.06
C MET D 13 32.25 -3.75 -14.91
N ASP D 14 33.41 -4.15 -14.37
CA ASP D 14 33.39 -4.96 -13.15
C ASP D 14 32.74 -4.22 -11.99
N LEU D 15 32.93 -2.89 -11.91
CA LEU D 15 32.29 -2.13 -10.84
C LEU D 15 30.78 -2.03 -11.05
N VAL D 16 30.33 -1.93 -12.31
CA VAL D 16 28.90 -1.96 -12.58
C VAL D 16 28.32 -3.30 -12.13
N SER D 17 29.01 -4.37 -12.48
CA SER D 17 28.56 -5.70 -12.08
C SER D 17 28.59 -5.84 -10.57
N LYS D 18 29.60 -5.25 -9.91
CA LYS D 18 29.61 -5.27 -8.46
C LYS D 18 28.42 -4.49 -7.91
N HIS D 19 28.08 -3.36 -8.54
CA HIS D 19 26.94 -2.64 -7.99
C HIS D 19 25.64 -3.42 -8.18
N TYR D 20 25.52 -4.17 -9.27
CA TYR D 20 24.39 -5.09 -9.40
C TYR D 20 24.35 -6.04 -8.21
N ASN D 21 25.50 -6.60 -7.83
CA ASN D 21 25.53 -7.52 -6.68
C ASN D 21 25.16 -6.81 -5.39
N VAL D 22 25.48 -5.53 -5.25
CA VAL D 22 25.10 -4.78 -4.06
C VAL D 22 23.59 -4.56 -4.02
N GLU D 23 22.98 -4.20 -5.17
CA GLU D 23 21.52 -4.05 -5.19
C GLU D 23 20.84 -5.38 -4.91
N LEU D 24 21.40 -6.46 -5.45
CA LEU D 24 20.86 -7.80 -5.19
C LEU D 24 21.07 -8.21 -3.74
N CYS D 25 22.20 -7.83 -3.15
CA CYS D 25 22.39 -8.07 -1.72
C CYS D 25 21.29 -7.40 -0.92
N ALA D 26 20.96 -6.14 -1.26
CA ALA D 26 19.87 -5.44 -0.59
C ALA D 26 18.54 -6.17 -0.80
N ALA D 27 18.25 -6.57 -2.03
CA ALA D 27 17.00 -7.30 -2.30
C ALA D 27 16.93 -8.56 -1.46
N ASN D 28 18.00 -9.35 -1.48
CA ASN D 28 18.08 -10.57 -0.68
C ASN D 28 17.88 -10.28 0.80
N LEU D 29 18.56 -9.25 1.32
CA LEU D 29 18.33 -8.90 2.72
C LEU D 29 16.89 -8.52 2.97
N TYR D 30 16.28 -7.71 2.08
CA TYR D 30 14.93 -7.23 2.34
C TYR D 30 13.92 -8.38 2.30
N PHE D 31 14.10 -9.34 1.39
CA PHE D 31 13.19 -10.48 1.41
C PHE D 31 13.36 -11.30 2.68
N HIS D 32 14.61 -11.47 3.15
CA HIS D 32 14.83 -12.09 4.47
C HIS D 32 14.15 -11.29 5.58
N LEU D 33 14.35 -9.97 5.60
CA LEU D 33 13.77 -9.13 6.67
C LEU D 33 12.25 -9.09 6.61
N ALA D 34 11.66 -9.27 5.44
CA ALA D 34 10.22 -9.41 5.35
C ALA D 34 9.74 -10.60 6.17
N THR D 35 10.40 -11.76 6.01
CA THR D 35 9.97 -12.93 6.78
C THR D 35 10.25 -12.75 8.28
N VAL D 36 11.36 -12.09 8.63
CA VAL D 36 11.62 -11.82 10.05
C VAL D 36 10.58 -10.86 10.60
N SER D 37 10.32 -9.76 9.87
CA SER D 37 9.32 -8.79 10.30
C SER D 37 7.95 -9.45 10.51
N LYS D 38 7.54 -10.30 9.56
CA LYS D 38 6.24 -10.97 9.69
C LYS D 38 6.19 -11.84 10.94
N ALA D 39 7.26 -12.61 11.18
CA ALA D 39 7.31 -13.50 12.34
C ALA D 39 7.30 -12.72 13.65
N LEU D 40 7.79 -11.48 13.63
CA LEU D 40 7.73 -10.64 14.82
C LEU D 40 6.37 -9.97 14.99
N GLY D 41 5.45 -10.18 14.06
CA GLY D 41 4.11 -9.64 14.17
C GLY D 41 3.82 -8.41 13.34
N TYR D 42 4.72 -8.02 12.42
CA TYR D 42 4.58 -6.77 11.68
C TYR D 42 4.26 -7.07 10.22
N ASP D 43 2.98 -7.31 9.93
CA ASP D 43 2.53 -7.63 8.57
C ASP D 43 2.86 -6.52 7.57
N ASN D 44 2.62 -5.26 7.96
CA ASN D 44 2.83 -4.17 7.01
C ASN D 44 4.30 -3.87 6.83
N VAL D 45 5.10 -3.94 7.89
CA VAL D 45 6.54 -3.80 7.70
C VAL D 45 7.04 -4.90 6.78
N ALA D 46 6.54 -6.13 6.96
CA ALA D 46 6.95 -7.21 6.07
C ALA D 46 6.58 -6.88 4.62
N ALA D 47 5.39 -6.33 4.40
CA ALA D 47 5.01 -5.96 3.03
C ALA D 47 5.87 -4.83 2.50
N PHE D 48 6.27 -3.91 3.38
CA PHE D 48 7.19 -2.85 2.99
C PHE D 48 8.50 -3.43 2.47
N PHE D 49 9.04 -4.45 3.14
CA PHE D 49 10.30 -5.03 2.71
C PHE D 49 10.14 -5.80 1.41
N VAL D 50 9.02 -6.50 1.22
CA VAL D 50 8.75 -7.12 -0.08
C VAL D 50 8.74 -6.06 -1.19
N LYS D 51 8.13 -4.91 -0.91
CA LYS D 51 8.07 -3.83 -1.90
C LYS D 51 9.48 -3.33 -2.24
N MET D 52 10.29 -3.08 -1.21
CA MET D 52 11.67 -2.61 -1.43
C MET D 52 12.49 -3.63 -2.19
N GLY D 53 12.41 -4.91 -1.82
CA GLY D 53 13.16 -5.91 -2.57
C GLY D 53 12.68 -6.06 -4.00
N SER D 54 11.37 -5.97 -4.22
CA SER D 54 10.85 -6.11 -5.59
C SER D 54 11.29 -4.93 -6.44
N ASP D 55 11.32 -3.73 -5.85
N ASP D 55 11.35 -3.76 -5.89
CA ASP D 55 11.76 -2.55 -6.56
CA ASP D 55 11.76 -2.61 -6.61
C ASP D 55 13.23 -2.64 -6.98
C ASP D 55 13.24 -2.66 -6.98
N LYS D 56 14.07 -3.19 -6.10
CA LYS D 56 15.48 -3.41 -6.48
C LYS D 56 15.55 -4.30 -7.71
N GLN D 57 14.73 -5.34 -7.77
CA GLN D 57 14.70 -6.22 -8.94
C GLN D 57 14.22 -5.49 -10.18
N SER D 58 13.05 -4.86 -10.10
CA SER D 58 12.39 -4.38 -11.31
C SER D 58 12.94 -3.05 -11.80
N ALA D 59 13.50 -2.25 -10.91
CA ALA D 59 13.99 -0.92 -11.28
C ALA D 59 15.51 -0.80 -11.29
N HIS D 60 16.20 -1.39 -10.31
CA HIS D 60 17.65 -1.20 -10.22
C HIS D 60 18.41 -2.28 -11.00
N MET D 61 18.22 -3.54 -10.61
CA MET D 61 18.90 -4.64 -11.30
C MET D 61 18.57 -4.66 -12.78
N SER D 62 17.30 -4.44 -13.13
CA SER D 62 16.92 -4.45 -14.54
C SER D 62 17.68 -3.39 -15.34
N ARG D 63 17.79 -2.17 -14.83
CA ARG D 63 18.51 -1.15 -15.58
C ARG D 63 19.99 -1.50 -15.72
N LEU D 64 20.59 -2.13 -14.70
CA LEU D 64 22.02 -2.43 -14.77
C LEU D 64 22.31 -3.54 -15.79
N VAL D 65 21.54 -4.63 -15.75
CA VAL D 65 21.80 -5.66 -16.76
C VAL D 65 21.49 -5.16 -18.17
N LYS D 66 20.46 -4.31 -18.32
N LYS D 66 20.47 -4.31 -18.31
CA LYS D 66 20.15 -3.79 -19.65
CA LYS D 66 20.14 -3.76 -19.63
C LYS D 66 21.26 -2.88 -20.16
C LYS D 66 21.27 -2.89 -20.14
N TYR D 67 21.86 -2.09 -19.27
CA TYR D 67 23.00 -1.27 -19.67
C TYR D 67 24.20 -2.13 -20.07
N MET D 68 24.51 -3.15 -19.26
CA MET D 68 25.66 -3.99 -19.61
C MET D 68 25.48 -4.62 -20.98
N MET D 69 24.26 -5.07 -21.28
CA MET D 69 23.99 -5.64 -22.60
C MET D 69 24.15 -4.59 -23.70
N LYS D 70 23.75 -3.34 -23.44
CA LYS D 70 23.90 -2.30 -24.46
C LYS D 70 25.35 -2.15 -24.90
N VAL D 71 26.28 -2.30 -23.95
CA VAL D 71 27.71 -2.14 -24.23
C VAL D 71 28.44 -3.48 -24.25
N ASP D 72 27.71 -4.57 -24.48
CA ASP D 72 28.28 -5.91 -24.72
C ASP D 72 29.15 -6.39 -23.57
N SER D 73 28.89 -5.99 -22.33
CA SER D 73 29.71 -6.43 -21.20
C SER D 73 28.98 -7.48 -20.36
N ILE D 74 29.75 -8.17 -19.52
CA ILE D 74 29.31 -9.41 -18.86
C ILE D 74 28.96 -9.14 -17.41
N LEU D 75 27.78 -9.57 -17.01
CA LEU D 75 27.37 -9.49 -15.61
C LEU D 75 27.82 -10.75 -14.88
N LYS D 76 28.52 -10.57 -13.76
CA LYS D 76 28.99 -11.66 -12.93
C LYS D 76 28.38 -11.55 -11.54
N ILE D 77 27.57 -12.56 -11.17
CA ILE D 77 27.02 -12.65 -9.81
C ILE D 77 28.02 -13.41 -8.95
N ASN D 78 28.26 -12.93 -7.74
CA ASN D 78 29.19 -13.63 -6.86
C ASN D 78 28.73 -13.44 -5.42
N GLN D 79 29.62 -13.77 -4.47
CA GLN D 79 29.23 -13.80 -3.06
C GLN D 79 28.93 -12.43 -2.49
N ILE D 80 29.30 -11.34 -3.18
CA ILE D 80 28.87 -10.00 -2.74
C ILE D 80 27.34 -9.94 -2.63
N SER D 81 26.62 -10.73 -3.42
CA SER D 81 25.17 -10.65 -3.44
C SER D 81 24.50 -11.30 -2.24
N VAL D 82 25.25 -12.04 -1.42
CA VAL D 82 24.68 -12.81 -0.31
C VAL D 82 24.84 -11.98 0.95
N PRO D 83 23.76 -11.58 1.62
CA PRO D 83 23.92 -10.76 2.83
C PRO D 83 24.44 -11.57 4.00
N GLU D 84 25.22 -10.88 4.83
CA GLU D 84 25.66 -11.38 6.12
C GLU D 84 24.51 -11.24 7.12
N LEU D 85 23.91 -12.36 7.50
CA LEU D 85 22.75 -12.33 8.40
C LEU D 85 23.18 -12.49 9.86
N VAL D 86 22.60 -11.66 10.72
CA VAL D 86 22.68 -11.85 12.16
C VAL D 86 21.27 -12.15 12.67
N SER D 87 21.18 -12.54 13.93
CA SER D 87 19.86 -12.74 14.51
C SER D 87 19.24 -11.39 14.85
N PHE D 88 17.92 -11.31 14.71
CA PHE D 88 17.15 -10.15 15.10
C PHE D 88 16.15 -10.57 16.14
N GLU D 89 16.10 -9.85 17.25
CA GLU D 89 15.09 -10.13 18.24
C GLU D 89 13.98 -9.09 18.24
N THR D 90 14.19 -7.92 17.64
CA THR D 90 13.20 -6.85 17.67
C THR D 90 13.07 -6.21 16.29
N ILE D 91 11.93 -5.54 16.07
CA ILE D 91 11.76 -4.83 14.81
C ILE D 91 12.75 -3.67 14.70
N GLN D 92 13.25 -3.14 15.83
CA GLN D 92 14.24 -2.07 15.75
C GLN D 92 15.55 -2.59 15.16
N GLU D 93 15.98 -3.80 15.57
CA GLU D 93 17.18 -4.38 15.00
C GLU D 93 17.01 -4.67 13.51
N VAL D 94 15.80 -5.09 13.12
CA VAL D 94 15.51 -5.29 11.70
C VAL D 94 15.76 -4.01 10.92
N LEU D 95 15.22 -2.89 11.41
CA LEU D 95 15.38 -1.65 10.66
C LEU D 95 16.81 -1.15 10.69
N ASP D 96 17.52 -1.35 11.82
CA ASP D 96 18.96 -1.07 11.86
C ASP D 96 19.67 -1.73 10.69
N ALA D 97 19.41 -3.02 10.48
CA ALA D 97 20.10 -3.75 9.43
C ALA D 97 19.74 -3.19 8.06
N ALA D 98 18.47 -2.84 7.88
CA ALA D 98 18.02 -2.31 6.59
C ALA D 98 18.65 -0.94 6.32
N LEU D 99 18.73 -0.09 7.33
CA LEU D 99 19.33 1.22 7.15
C LEU D 99 20.80 1.09 6.78
N LYS D 100 21.51 0.19 7.46
CA LYS D 100 22.92 -0.04 7.11
C LYS D 100 23.06 -0.54 5.68
N MET D 101 22.19 -1.47 5.27
CA MET D 101 22.24 -2.01 3.92
C MET D 101 21.99 -0.93 2.88
N GLU D 102 20.92 -0.15 3.04
CA GLU D 102 20.63 0.86 2.02
C GLU D 102 21.70 1.96 2.00
N SER D 103 22.29 2.30 3.14
CA SER D 103 23.41 3.25 3.13
C SER D 103 24.55 2.73 2.26
N LYS D 104 24.80 1.42 2.31
CA LYS D 104 25.86 0.84 1.50
C LYS D 104 25.52 0.86 0.02
N VAL D 105 24.25 0.63 -0.35
CA VAL D 105 23.85 0.80 -1.75
C VAL D 105 24.20 2.19 -2.24
N ARG D 106 23.82 3.20 -1.46
CA ARG D 106 24.10 4.58 -1.83
C ARG D 106 25.59 4.84 -1.99
N GLU D 107 26.41 4.30 -1.09
CA GLU D 107 27.85 4.49 -1.20
C GLU D 107 28.39 3.79 -2.44
N SER D 108 27.85 2.61 -2.76
CA SER D 108 28.27 1.91 -3.96
C SER D 108 27.91 2.70 -5.21
N VAL D 109 26.70 3.29 -5.26
CA VAL D 109 26.33 4.18 -6.37
C VAL D 109 27.36 5.28 -6.52
N LYS D 110 27.69 5.93 -5.41
CA LYS D 110 28.63 7.05 -5.46
C LYS D 110 29.98 6.59 -6.00
N ASN D 111 30.49 5.46 -5.55
N ASN D 111 30.43 5.40 -5.57
CA ASN D 111 31.73 4.90 -6.03
CA ASN D 111 31.72 4.88 -5.99
C ASN D 111 31.75 4.69 -7.53
C ASN D 111 31.78 4.67 -7.50
N VAL D 112 30.77 4.00 -8.07
CA VAL D 112 30.75 3.75 -9.53
C VAL D 112 30.63 5.06 -10.29
N THR D 113 29.73 5.93 -9.83
CA THR D 113 29.56 7.23 -10.48
C THR D 113 30.88 7.96 -10.51
N GLU D 114 31.55 7.99 -9.37
CA GLU D 114 32.80 8.73 -9.25
C GLU D 114 33.95 8.19 -10.09
N ILE D 115 34.13 6.90 -10.08
CA ILE D 115 35.23 6.34 -10.86
C ILE D 115 34.91 6.40 -12.36
N SER D 116 33.63 6.25 -12.75
CA SER D 116 33.36 6.34 -14.18
C SER D 116 33.65 7.74 -14.69
N LEU D 117 33.32 8.79 -13.91
CA LEU D 117 33.68 10.15 -14.33
C LEU D 117 35.19 10.32 -14.41
N LEU D 118 35.89 9.84 -13.38
CA LEU D 118 37.35 9.88 -13.35
C LEU D 118 37.94 9.25 -14.61
N ALA D 119 37.42 8.08 -14.99
CA ALA D 119 37.86 7.36 -16.18
C ALA D 119 37.37 7.97 -17.47
N LYS D 120 36.54 9.01 -17.41
CA LYS D 120 35.91 9.61 -18.59
C LYS D 120 35.05 8.59 -19.33
N ASP D 121 34.50 7.62 -18.58
CA ASP D 121 33.44 6.75 -19.09
C ASP D 121 32.12 7.50 -18.92
N PHE D 122 31.83 8.39 -19.86
CA PHE D 122 30.62 9.19 -19.77
C PHE D 122 29.35 8.37 -19.98
N GLU D 123 29.44 7.24 -20.68
CA GLU D 123 28.28 6.37 -20.83
C GLU D 123 27.88 5.78 -19.50
N THR D 124 28.84 5.29 -18.72
CA THR D 124 28.50 4.74 -17.41
C THR D 124 28.09 5.84 -16.46
N PHE D 125 28.77 6.99 -16.51
CA PHE D 125 28.37 8.12 -15.68
C PHE D 125 26.92 8.52 -15.95
N GLU D 126 26.53 8.54 -17.22
CA GLU D 126 25.16 8.91 -17.56
C GLU D 126 24.17 7.90 -17.01
N ARG D 127 24.46 6.60 -17.19
CA ARG D 127 23.56 5.56 -16.68
C ARG D 127 23.45 5.61 -15.16
N MET D 128 24.52 6.02 -14.47
CA MET D 128 24.42 6.06 -13.01
C MET D 128 23.58 7.23 -12.50
N GLN D 129 23.27 8.24 -13.32
CA GLN D 129 22.54 9.38 -12.79
C GLN D 129 21.16 8.98 -12.25
N TRP D 130 20.49 8.03 -12.91
CA TRP D 130 19.21 7.53 -12.38
C TRP D 130 19.39 6.98 -10.98
N PHE D 131 20.52 6.29 -10.75
CA PHE D 131 20.81 5.66 -9.47
C PHE D 131 21.17 6.69 -8.41
N VAL D 132 21.94 7.72 -8.80
CA VAL D 132 22.24 8.81 -7.88
C VAL D 132 20.95 9.38 -7.30
N LYS D 133 19.98 9.68 -8.19
CA LYS D 133 18.73 10.26 -7.73
C LYS D 133 17.90 9.26 -6.94
N ASP D 134 17.79 8.02 -7.42
CA ASP D 134 16.91 7.07 -6.76
C ASP D 134 17.48 6.50 -5.47
N SER D 135 18.81 6.42 -5.32
CA SER D 135 19.34 6.00 -4.02
C SER D 135 18.91 6.93 -2.90
N ILE D 136 18.77 8.22 -3.18
CA ILE D 136 18.24 9.13 -2.16
C ILE D 136 16.84 8.70 -1.74
N GLU D 137 16.00 8.36 -2.72
CA GLU D 137 14.61 7.99 -2.44
C GLU D 137 14.53 6.72 -1.61
N ASP D 138 15.31 5.71 -1.98
CA ASP D 138 15.26 4.43 -1.27
C ASP D 138 15.80 4.58 0.14
N LEU D 139 16.88 5.36 0.31
CA LEU D 139 17.38 5.59 1.66
C LEU D 139 16.38 6.39 2.49
N GLU D 140 15.75 7.40 1.88
CA GLU D 140 14.69 8.12 2.59
C GLU D 140 13.59 7.18 3.06
N GLU D 141 13.13 6.29 2.22
CA GLU D 141 12.08 5.38 2.58
C GLU D 141 12.45 4.52 3.77
N ILE D 142 13.60 3.91 3.71
CA ILE D 142 14.04 3.06 4.83
C ILE D 142 14.31 3.90 6.06
N SER D 143 14.90 5.07 5.88
CA SER D 143 15.13 5.99 7.00
C SER D 143 13.82 6.39 7.69
N ASP D 144 12.77 6.63 6.91
CA ASP D 144 11.51 7.04 7.52
C ASP D 144 10.95 5.92 8.39
N VAL D 145 11.02 4.67 7.91
CA VAL D 145 10.53 3.55 8.70
C VAL D 145 11.43 3.34 9.93
N TRP D 146 12.73 3.51 9.77
CA TRP D 146 13.64 3.48 10.92
C TRP D 146 13.21 4.49 11.97
N THR D 147 12.88 5.70 11.54
CA THR D 147 12.41 6.73 12.46
C THR D 147 11.14 6.31 13.17
N TYR D 148 10.20 5.71 12.46
CA TYR D 148 8.95 5.30 13.10
C TYR D 148 9.21 4.26 14.18
N VAL D 149 10.00 3.23 13.87
CA VAL D 149 10.14 2.16 14.86
C VAL D 149 11.04 2.55 16.02
N HIS D 150 11.86 3.59 15.86
CA HIS D 150 12.75 4.03 16.92
C HIS D 150 12.22 5.22 17.70
N SER D 151 11.03 5.70 17.37
CA SER D 151 10.48 6.84 18.09
C SER D 151 10.02 6.43 19.50
N PRO D 152 10.19 7.30 20.49
CA PRO D 152 9.75 6.96 21.84
C PRO D 152 8.26 6.68 21.94
N ASN D 153 7.92 5.67 22.74
N ASN D 153 7.90 5.72 22.79
CA ASN D 153 6.57 5.42 23.22
CA ASN D 153 6.51 5.49 23.20
C ASN D 153 5.61 4.95 22.13
C ASN D 153 5.60 5.13 22.02
N VAL D 154 6.12 4.42 21.03
CA VAL D 154 5.25 3.91 19.95
C VAL D 154 4.97 2.45 20.24
N ASN D 155 3.84 1.94 19.77
CA ASN D 155 3.49 0.55 19.95
C ASN D 155 3.41 -0.19 18.61
N LEU D 156 3.19 -1.49 18.63
CA LEU D 156 3.20 -2.26 17.38
C LEU D 156 2.12 -1.78 16.43
N ILE D 157 0.96 -1.41 16.95
CA ILE D 157 -0.14 -0.96 16.09
C ILE D 157 0.19 0.39 15.47
N ASN D 158 0.85 1.26 16.22
CA ASN D 158 1.25 2.53 15.71
C ASN D 158 2.15 2.30 14.50
N ILE D 159 3.18 1.48 14.67
CA ILE D 159 4.14 1.19 13.61
C ILE D 159 3.42 0.61 12.39
N GLU D 160 2.58 -0.41 12.63
CA GLU D 160 1.87 -1.05 11.52
C GLU D 160 0.99 -0.06 10.77
N ASN D 161 0.29 0.82 11.48
CA ASN D 161 -0.63 1.75 10.82
C ASN D 161 0.11 2.73 9.93
N ILE D 162 1.22 3.30 10.41
CA ILE D 162 1.84 4.32 9.59
C ILE D 162 2.64 3.68 8.44
N VAL D 163 3.21 2.48 8.65
CA VAL D 163 3.93 1.84 7.56
C VAL D 163 2.94 1.39 6.49
N GLY D 164 1.73 0.96 6.90
CA GLY D 164 0.70 0.64 5.92
C GLY D 164 0.42 1.78 4.95
N LYS D 165 0.63 3.03 5.37
CA LYS D 165 0.41 4.14 4.46
C LYS D 165 1.44 4.22 3.34
N LYS D 166 2.57 3.52 3.46
CA LYS D 166 3.57 3.51 2.41
C LYS D 166 3.33 2.45 1.35
N LEU D 167 2.35 1.58 1.56
CA LEU D 167 2.09 0.50 0.62
C LEU D 167 1.04 0.89 -0.42
N SER E 4 -1.63 58.65 -12.28
CA SER E 4 -2.61 57.62 -12.62
C SER E 4 -4.06 58.07 -12.35
N VAL E 5 -4.97 57.65 -13.23
CA VAL E 5 -6.39 57.96 -13.10
C VAL E 5 -6.99 57.36 -11.83
N PHE E 6 -6.33 56.36 -11.22
CA PHE E 6 -6.90 55.74 -10.02
C PHE E 6 -6.67 56.58 -8.78
N ASN E 7 -5.56 57.32 -8.72
CA ASN E 7 -5.34 58.31 -7.68
C ASN E 7 -5.47 57.68 -6.30
N LYS E 8 -4.76 56.57 -6.09
CA LYS E 8 -4.81 55.89 -4.81
C LYS E 8 -3.96 56.64 -3.79
N ASP E 9 -4.31 56.48 -2.51
CA ASP E 9 -3.50 57.02 -1.42
C ASP E 9 -2.28 56.13 -1.22
N GLU E 10 -1.10 56.68 -1.52
CA GLU E 10 0.12 55.88 -1.45
C GLU E 10 0.42 55.37 -0.04
N ARG E 11 -0.09 56.04 0.99
CA ARG E 11 0.07 55.54 2.35
C ARG E 11 -0.73 54.26 2.57
N ILE E 12 -1.94 54.19 2.00
CA ILE E 12 -2.72 52.95 2.06
C ILE E 12 -2.09 51.88 1.17
N MET E 13 -1.64 52.24 -0.02
CA MET E 13 -1.04 51.24 -0.89
C MET E 13 0.27 50.72 -0.31
N ASP E 14 1.03 51.56 0.41
CA ASP E 14 2.20 51.07 1.12
C ASP E 14 1.82 50.00 2.15
N LEU E 15 0.65 50.16 2.77
CA LEU E 15 0.18 49.16 3.74
C LEU E 15 -0.18 47.84 3.05
N VAL E 16 -0.74 47.92 1.84
CA VAL E 16 -1.02 46.71 1.07
C VAL E 16 0.28 46.02 0.70
N SER E 17 1.27 46.80 0.27
CA SER E 17 2.56 46.23 -0.07
C SER E 17 3.23 45.63 1.16
N LYS E 18 3.09 46.31 2.31
CA LYS E 18 3.60 45.76 3.55
C LYS E 18 2.88 44.45 3.89
N HIS E 19 1.57 44.38 3.66
CA HIS E 19 0.92 43.11 3.98
C HIS E 19 1.38 42.01 3.02
N TYR E 20 1.67 42.33 1.77
CA TYR E 20 2.30 41.34 0.89
C TYR E 20 3.59 40.81 1.53
N ASN E 21 4.42 41.71 2.09
CA ASN E 21 5.66 41.26 2.73
C ASN E 21 5.40 40.38 3.94
N VAL E 22 4.29 40.62 4.64
CA VAL E 22 3.96 39.79 5.79
C VAL E 22 3.53 38.39 5.35
N GLU E 23 2.71 38.29 4.29
CA GLU E 23 2.36 36.98 3.75
C GLU E 23 3.58 36.26 3.22
N LEU E 24 4.50 36.99 2.58
CA LEU E 24 5.73 36.38 2.10
C LEU E 24 6.63 35.95 3.25
N CYS E 25 6.63 36.74 4.33
CA CYS E 25 7.44 36.34 5.48
C CYS E 25 6.90 35.04 6.04
N ALA E 26 5.57 34.89 6.10
CA ALA E 26 4.97 33.62 6.49
C ALA E 26 5.38 32.50 5.53
N ALA E 27 5.26 32.73 4.22
CA ALA E 27 5.66 31.70 3.25
C ALA E 27 7.11 31.28 3.48
N ASN E 28 8.00 32.27 3.61
CA ASN E 28 9.42 32.00 3.85
C ASN E 28 9.62 31.19 5.12
N LEU E 29 8.97 31.57 6.22
CA LEU E 29 9.10 30.80 7.46
C LEU E 29 8.61 29.36 7.27
N TYR E 30 7.44 29.20 6.62
CA TYR E 30 6.88 27.86 6.45
C TYR E 30 7.77 26.98 5.60
N PHE E 31 8.39 27.52 4.55
CA PHE E 31 9.30 26.65 3.79
C PHE E 31 10.52 26.28 4.62
N HIS E 32 11.03 27.22 5.43
CA HIS E 32 12.09 26.89 6.38
C HIS E 32 11.61 25.84 7.38
N LEU E 33 10.42 26.03 7.94
CA LEU E 33 9.91 25.08 8.93
C LEU E 33 9.60 23.72 8.30
N ALA E 34 9.30 23.69 7.00
CA ALA E 34 9.18 22.39 6.34
C ALA E 34 10.48 21.61 6.47
N THR E 35 11.62 22.25 6.15
CA THR E 35 12.89 21.52 6.20
C THR E 35 13.27 21.17 7.64
N VAL E 36 12.96 22.03 8.62
CA VAL E 36 13.25 21.69 10.01
C VAL E 36 12.40 20.49 10.45
N SER E 37 11.10 20.54 10.15
CA SER E 37 10.19 19.45 10.50
C SER E 37 10.67 18.14 9.91
N LYS E 38 11.06 18.15 8.62
CA LYS E 38 11.54 16.95 7.98
C LYS E 38 12.78 16.41 8.68
N ALA E 39 13.73 17.29 8.99
CA ALA E 39 14.96 16.86 9.68
C ALA E 39 14.67 16.34 11.08
N LEU E 40 13.58 16.78 11.70
CA LEU E 40 13.22 16.23 12.99
C LEU E 40 12.47 14.90 12.88
N GLY E 41 12.19 14.44 11.67
CA GLY E 41 11.53 13.18 11.47
C GLY E 41 10.06 13.26 11.10
N TYR E 42 9.54 14.45 10.81
CA TYR E 42 8.09 14.65 10.61
C TYR E 42 7.81 14.96 9.14
N ASP E 43 7.75 13.90 8.33
CA ASP E 43 7.54 14.07 6.89
C ASP E 43 6.19 14.73 6.58
N ASN E 44 5.12 14.31 7.25
CA ASN E 44 3.81 14.91 6.94
C ASN E 44 3.71 16.34 7.46
N VAL E 45 4.27 16.61 8.64
CA VAL E 45 4.29 18.01 9.10
C VAL E 45 5.07 18.86 8.11
N ALA E 46 6.20 18.34 7.61
CA ALA E 46 6.96 19.05 6.57
C ALA E 46 6.08 19.34 5.36
N ALA E 47 5.28 18.35 4.93
CA ALA E 47 4.44 18.53 3.75
C ALA E 47 3.33 19.53 4.03
N PHE E 48 2.82 19.54 5.26
CA PHE E 48 1.85 20.55 5.68
C PHE E 48 2.42 21.96 5.54
N PHE E 49 3.67 22.16 5.96
CA PHE E 49 4.26 23.49 5.84
C PHE E 49 4.51 23.87 4.38
N VAL E 50 4.94 22.91 3.55
CA VAL E 50 5.04 23.21 2.11
C VAL E 50 3.68 23.65 1.58
N LYS E 51 2.61 22.96 1.98
CA LYS E 51 1.28 23.36 1.52
C LYS E 51 0.93 24.76 1.99
N MET E 52 1.20 25.07 3.26
CA MET E 52 0.88 26.41 3.77
C MET E 52 1.68 27.48 3.04
N GLY E 53 2.98 27.25 2.84
CA GLY E 53 3.78 28.22 2.11
C GLY E 53 3.33 28.39 0.67
N SER E 54 3.03 27.28 0.00
CA SER E 54 2.56 27.36 -1.39
C SER E 54 1.23 28.12 -1.50
N ASP E 55 0.28 27.86 -0.63
N ASP E 55 0.33 27.89 -0.54
CA ASP E 55 -0.95 28.60 -0.52
CA ASP E 55 -0.96 28.58 -0.53
C ASP E 55 -0.74 30.10 -0.37
C ASP E 55 -0.79 30.09 -0.36
N LYS E 56 0.15 30.51 0.51
CA LYS E 56 0.43 31.94 0.63
C LYS E 56 0.85 32.51 -0.71
N GLN E 57 1.68 31.78 -1.48
CA GLN E 57 2.10 32.28 -2.79
C GLN E 57 0.94 32.37 -3.77
N SER E 58 0.20 31.27 -3.92
CA SER E 58 -0.75 31.12 -5.01
C SER E 58 -2.08 31.79 -4.73
N ALA E 59 -2.43 31.98 -3.47
CA ALA E 59 -3.73 32.57 -3.12
C ALA E 59 -3.62 33.93 -2.47
N HIS E 60 -2.61 34.18 -1.63
CA HIS E 60 -2.55 35.47 -0.92
C HIS E 60 -1.72 36.49 -1.69
N MET E 61 -0.44 36.18 -1.90
CA MET E 61 0.45 37.08 -2.62
C MET E 61 -0.06 37.36 -4.03
N SER E 62 -0.60 36.33 -4.71
CA SER E 62 -1.14 36.53 -6.06
C SER E 62 -2.27 37.57 -6.07
N ARG E 63 -3.23 37.43 -5.17
CA ARG E 63 -4.32 38.42 -5.11
C ARG E 63 -3.80 39.84 -4.82
N LEU E 64 -2.83 39.97 -3.92
CA LEU E 64 -2.33 41.29 -3.55
C LEU E 64 -1.66 41.99 -4.74
N VAL E 65 -0.74 41.29 -5.42
CA VAL E 65 -0.07 41.93 -6.55
C VAL E 65 -1.04 42.21 -7.70
N LYS E 66 -2.04 41.35 -7.90
CA LYS E 66 -3.03 41.66 -8.95
C LYS E 66 -3.86 42.88 -8.60
N TYR E 67 -4.25 43.02 -7.33
CA TYR E 67 -4.97 44.22 -6.90
C TYR E 67 -4.13 45.47 -7.09
N MET E 68 -2.84 45.43 -6.70
CA MET E 68 -2.00 46.61 -6.87
C MET E 68 -1.89 47.00 -8.33
N MET E 69 -1.78 46.00 -9.23
CA MET E 69 -1.74 46.31 -10.66
C MET E 69 -3.06 46.88 -11.15
N LYS E 70 -4.18 46.40 -10.61
CA LYS E 70 -5.47 46.96 -11.03
C LYS E 70 -5.54 48.46 -10.78
N VAL E 71 -4.89 48.95 -9.73
CA VAL E 71 -4.92 50.36 -9.37
C VAL E 71 -3.58 51.06 -9.61
N ASP E 72 -2.75 50.49 -10.50
CA ASP E 72 -1.51 51.10 -10.96
C ASP E 72 -0.54 51.42 -9.81
N SER E 73 -0.54 50.66 -8.72
CA SER E 73 0.34 50.95 -7.59
C SER E 73 1.50 49.97 -7.53
N ILE E 74 2.54 50.35 -6.78
CA ILE E 74 3.83 49.68 -6.82
C ILE E 74 4.02 48.77 -5.61
N LEU E 75 4.39 47.52 -5.87
CA LEU E 75 4.73 46.56 -4.83
C LEU E 75 6.20 46.69 -4.51
N LYS E 76 6.52 46.85 -3.24
CA LYS E 76 7.91 46.96 -2.80
C LYS E 76 8.20 45.85 -1.80
N ILE E 77 9.08 44.93 -2.19
CA ILE E 77 9.59 43.89 -1.31
C ILE E 77 10.71 44.47 -0.47
N ASN E 78 10.74 44.15 0.82
CA ASN E 78 11.80 44.65 1.69
C ASN E 78 12.06 43.64 2.80
N GLN E 79 12.80 44.07 3.83
CA GLN E 79 13.27 43.13 4.83
C GLN E 79 12.16 42.63 5.74
N ILE E 80 10.96 43.22 5.67
CA ILE E 80 9.80 42.66 6.37
C ILE E 80 9.55 41.23 5.94
N SER E 81 9.91 40.90 4.69
CA SER E 81 9.64 39.57 4.14
C SER E 81 10.57 38.49 4.65
N VAL E 82 11.65 38.82 5.37
CA VAL E 82 12.65 37.85 5.79
C VAL E 82 12.37 37.50 7.25
N PRO E 83 11.98 36.27 7.57
CA PRO E 83 11.63 35.95 8.95
C PRO E 83 12.86 35.89 9.84
N GLU E 84 12.67 36.31 11.09
CA GLU E 84 13.70 36.11 12.12
C GLU E 84 13.71 34.64 12.51
N LEU E 85 14.85 33.99 12.34
CA LEU E 85 14.97 32.55 12.60
C LEU E 85 15.60 32.32 13.96
N VAL E 86 14.90 31.59 14.82
CA VAL E 86 15.48 31.03 16.03
C VAL E 86 15.82 29.57 15.76
N SER E 87 16.57 28.96 16.67
CA SER E 87 16.84 27.54 16.56
C SER E 87 15.67 26.75 17.13
N PHE E 88 15.38 25.61 16.50
CA PHE E 88 14.29 24.73 16.92
C PHE E 88 14.87 23.38 17.28
N GLU E 89 14.53 22.87 18.46
CA GLU E 89 14.97 21.54 18.84
C GLU E 89 13.86 20.51 18.83
N THR E 90 12.59 20.94 18.92
CA THR E 90 11.46 20.04 18.99
C THR E 90 10.40 20.48 17.98
N ILE E 91 9.54 19.54 17.61
CA ILE E 91 8.43 19.88 16.72
C ILE E 91 7.43 20.79 17.42
N GLN E 92 7.44 20.81 18.76
CA GLN E 92 6.58 21.76 19.47
C GLN E 92 7.05 23.19 19.28
N GLU E 93 8.37 23.40 19.33
CA GLU E 93 8.90 24.74 19.09
C GLU E 93 8.65 25.20 17.66
N VAL E 94 8.71 24.25 16.71
CA VAL E 94 8.35 24.54 15.32
C VAL E 94 6.92 25.07 15.23
N LEU E 95 5.98 24.38 15.85
CA LEU E 95 4.60 24.84 15.75
C LEU E 95 4.38 26.14 16.52
N ASP E 96 5.11 26.35 17.61
CA ASP E 96 5.06 27.64 18.32
C ASP E 96 5.37 28.79 17.37
N ALA E 97 6.43 28.63 16.59
CA ALA E 97 6.85 29.67 15.68
C ALA E 97 5.82 29.90 14.59
N ALA E 98 5.25 28.81 14.06
CA ALA E 98 4.21 28.94 13.02
C ALA E 98 2.96 29.64 13.55
N LEU E 99 2.53 29.26 14.75
CA LEU E 99 1.35 29.89 15.33
C LEU E 99 1.56 31.38 15.53
N LYS E 100 2.73 31.79 16.02
CA LYS E 100 3.01 33.21 16.18
C LYS E 100 3.04 33.92 14.83
N MET E 101 3.58 33.26 13.81
CA MET E 101 3.65 33.88 12.50
C MET E 101 2.25 34.10 11.94
N GLU E 102 1.41 33.07 11.97
CA GLU E 102 0.10 33.23 11.33
C GLU E 102 -0.78 34.19 12.12
N SER E 103 -0.60 34.25 13.45
CA SER E 103 -1.28 35.27 14.23
C SER E 103 -0.92 36.68 13.74
N LYS E 104 0.34 36.87 13.39
CA LYS E 104 0.77 38.16 12.87
C LYS E 104 0.20 38.45 11.48
N VAL E 105 0.09 37.43 10.62
CA VAL E 105 -0.58 37.64 9.34
C VAL E 105 -1.99 38.17 9.59
N ARG E 106 -2.72 37.50 10.47
CA ARG E 106 -4.10 37.88 10.75
C ARG E 106 -4.20 39.30 11.33
N GLU E 107 -3.26 39.66 12.22
CA GLU E 107 -3.24 41.04 12.73
C GLU E 107 -2.94 42.04 11.62
N SER E 108 -2.06 41.67 10.69
CA SER E 108 -1.76 42.54 9.56
C SER E 108 -2.97 42.72 8.66
N VAL E 109 -3.69 41.63 8.35
CA VAL E 109 -4.95 41.75 7.59
C VAL E 109 -5.87 42.76 8.27
N LYS E 110 -6.06 42.60 9.58
CA LYS E 110 -6.97 43.47 10.32
C LYS E 110 -6.55 44.93 10.23
N ASN E 111 -5.24 45.18 10.33
N ASN E 111 -5.25 45.18 10.34
CA ASN E 111 -4.76 46.56 10.32
CA ASN E 111 -4.74 46.55 10.30
C ASN E 111 -4.99 47.23 8.96
C ASN E 111 -5.02 47.21 8.96
N VAL E 112 -4.69 46.54 7.86
CA VAL E 112 -4.96 47.10 6.53
C VAL E 112 -6.45 47.32 6.35
N THR E 113 -7.26 46.36 6.79
CA THR E 113 -8.70 46.46 6.63
C THR E 113 -9.24 47.67 7.38
N GLU E 114 -8.80 47.82 8.64
CA GLU E 114 -9.32 48.90 9.48
C GLU E 114 -8.88 50.26 8.96
N ILE E 115 -7.60 50.40 8.61
CA ILE E 115 -7.07 51.69 8.17
C ILE E 115 -7.65 52.08 6.80
N SER E 116 -7.81 51.12 5.88
CA SER E 116 -8.38 51.47 4.58
C SER E 116 -9.82 51.93 4.73
N LEU E 117 -10.60 51.29 5.59
CA LEU E 117 -11.98 51.72 5.80
C LEU E 117 -12.04 53.12 6.39
N LEU E 118 -11.24 53.37 7.44
CA LEU E 118 -11.23 54.69 8.06
C LEU E 118 -10.79 55.77 7.08
N ALA E 119 -9.87 55.43 6.17
CA ALA E 119 -9.43 56.35 5.13
C ALA E 119 -10.41 56.47 3.97
N LYS E 120 -11.56 55.77 4.02
CA LYS E 120 -12.53 55.74 2.90
C LYS E 120 -11.93 55.17 1.62
N ASP E 121 -10.95 54.27 1.73
CA ASP E 121 -10.48 53.51 0.56
C ASP E 121 -11.33 52.26 0.50
N PHE E 122 -12.51 52.40 -0.09
CA PHE E 122 -13.43 51.26 -0.13
C PHE E 122 -12.94 50.18 -1.08
N GLU E 123 -12.16 50.54 -2.10
CA GLU E 123 -11.59 49.52 -2.99
C GLU E 123 -10.65 48.59 -2.23
N THR E 124 -9.76 49.16 -1.40
CA THR E 124 -8.84 48.32 -0.62
C THR E 124 -9.60 47.53 0.44
N PHE E 125 -10.57 48.16 1.09
CA PHE E 125 -11.40 47.44 2.06
C PHE E 125 -12.07 46.23 1.42
N GLU E 126 -12.63 46.43 0.23
CA GLU E 126 -13.31 45.34 -0.47
C GLU E 126 -12.34 44.22 -0.79
N ARG E 127 -11.16 44.56 -1.30
CA ARG E 127 -10.17 43.52 -1.61
C ARG E 127 -9.72 42.79 -0.33
N MET E 128 -9.69 43.48 0.81
CA MET E 128 -9.23 42.81 2.01
C MET E 128 -10.24 41.80 2.57
N GLN E 129 -11.49 41.82 2.10
CA GLN E 129 -12.50 40.94 2.69
C GLN E 129 -12.15 39.46 2.49
N TRP E 130 -11.61 39.10 1.33
CA TRP E 130 -11.17 37.72 1.12
C TRP E 130 -10.14 37.32 2.16
N PHE E 131 -9.24 38.24 2.48
CA PHE E 131 -8.19 37.96 3.45
C PHE E 131 -8.74 37.89 4.87
N VAL E 132 -9.75 38.70 5.19
CA VAL E 132 -10.36 38.60 6.50
C VAL E 132 -10.89 37.20 6.71
N LYS E 133 -11.62 36.70 5.73
CA LYS E 133 -12.21 35.36 5.84
C LYS E 133 -11.15 34.29 5.81
N ASP E 134 -10.16 34.41 4.91
CA ASP E 134 -9.19 33.32 4.78
C ASP E 134 -8.16 33.31 5.89
N SER E 135 -7.82 34.47 6.48
CA SER E 135 -6.90 34.44 7.61
C SER E 135 -7.45 33.59 8.75
N ILE E 136 -8.78 33.57 8.92
CA ILE E 136 -9.35 32.67 9.92
C ILE E 136 -9.00 31.23 9.60
N GLU E 137 -9.17 30.86 8.34
CA GLU E 137 -8.92 29.48 7.92
C GLU E 137 -7.46 29.11 8.15
N ASP E 138 -6.53 29.96 7.72
CA ASP E 138 -5.11 29.62 7.86
C ASP E 138 -4.71 29.53 9.32
N LEU E 139 -5.22 30.44 10.15
CA LEU E 139 -4.90 30.38 11.58
C LEU E 139 -5.49 29.12 12.22
N GLU E 140 -6.67 28.73 11.78
CA GLU E 140 -7.25 27.53 12.30
C GLU E 140 -6.41 26.30 11.93
N GLU E 141 -5.94 26.24 10.71
CA GLU E 141 -5.13 25.14 10.26
C GLU E 141 -3.87 24.96 11.09
N ILE E 142 -3.16 26.03 11.27
CA ILE E 142 -1.93 26.00 12.05
C ILE E 142 -2.24 25.76 13.52
N SER E 143 -3.31 26.37 14.02
CA SER E 143 -3.72 26.15 15.41
C SER E 143 -4.10 24.70 15.66
N ASP E 144 -4.74 24.05 14.68
CA ASP E 144 -5.09 22.64 14.85
C ASP E 144 -3.84 21.76 14.93
N VAL E 145 -2.82 22.04 14.10
CA VAL E 145 -1.60 21.23 14.17
C VAL E 145 -0.85 21.54 15.47
N TRP E 146 -0.86 22.80 15.89
CA TRP E 146 -0.31 23.14 17.20
C TRP E 146 -0.96 22.30 18.31
N THR E 147 -2.28 22.21 18.29
CA THR E 147 -3.00 21.41 19.28
C THR E 147 -2.55 19.96 19.26
N TYR E 148 -2.43 19.37 18.05
CA TYR E 148 -2.00 17.98 17.95
C TYR E 148 -0.63 17.77 18.59
N VAL E 149 0.33 18.65 18.28
CA VAL E 149 1.69 18.36 18.74
C VAL E 149 1.89 18.72 20.20
N HIS E 150 1.01 19.53 20.75
CA HIS E 150 1.09 19.93 22.15
C HIS E 150 0.17 19.11 23.05
N SER E 151 -0.60 18.16 22.51
CA SER E 151 -1.48 17.38 23.36
C SER E 151 -0.69 16.38 24.21
N PRO E 152 -1.15 16.11 25.43
CA PRO E 152 -0.44 15.17 26.30
C PRO E 152 -0.39 13.76 25.71
N ASN E 153 0.75 13.12 25.89
N ASN E 153 0.77 13.11 25.88
CA ASN E 153 0.90 11.71 25.65
CA ASN E 153 0.89 11.67 25.69
C ASN E 153 0.79 11.28 24.20
C ASN E 153 0.86 11.24 24.21
N VAL E 154 1.06 12.17 23.28
CA VAL E 154 1.08 11.80 21.86
C VAL E 154 2.50 11.44 21.48
N ASN E 155 2.65 10.61 20.46
CA ASN E 155 3.94 10.22 19.95
C ASN E 155 4.14 10.66 18.50
N LEU E 156 5.33 10.47 17.96
CA LEU E 156 5.63 10.97 16.62
C LEU E 156 4.66 10.37 15.59
N ILE E 157 4.31 9.10 15.73
CA ILE E 157 3.43 8.46 14.75
C ILE E 157 2.03 9.04 14.83
N ASN E 158 1.56 9.31 16.03
CA ASN E 158 0.25 9.89 16.21
C ASN E 158 0.20 11.23 15.46
N ILE E 159 1.19 12.06 15.67
CA ILE E 159 1.25 13.38 15.03
C ILE E 159 1.27 13.23 13.51
N GLU E 160 2.21 12.41 13.00
CA GLU E 160 2.31 12.19 11.57
C GLU E 160 1.02 11.66 10.96
N ASN E 161 0.38 10.70 11.62
CA ASN E 161 -0.85 10.13 11.09
C ASN E 161 -1.97 11.17 10.98
N ILE E 162 -2.17 11.98 12.03
CA ILE E 162 -3.30 12.92 11.95
C ILE E 162 -2.99 14.11 11.05
N VAL E 163 -1.74 14.58 11.01
CA VAL E 163 -1.40 15.67 10.09
C VAL E 163 -1.48 15.20 8.65
N GLY E 164 -1.19 13.92 8.41
CA GLY E 164 -1.33 13.37 7.07
C GLY E 164 -2.73 13.51 6.50
N LYS E 165 -3.75 13.53 7.38
CA LYS E 165 -5.12 13.67 6.89
C LYS E 165 -5.45 15.08 6.41
N LYS E 166 -4.64 16.07 6.77
CA LYS E 166 -4.84 17.44 6.30
C LYS E 166 -4.24 17.69 4.93
N LEU E 167 -3.58 16.69 4.34
CA LEU E 167 -2.95 16.84 3.05
C LEU E 167 -3.85 16.29 1.94
N SER F 4 22.21 13.14 10.60
CA SER F 4 21.39 12.47 9.58
C SER F 4 22.17 11.40 8.80
N VAL F 5 21.44 10.36 8.39
CA VAL F 5 22.04 9.28 7.60
C VAL F 5 22.57 9.77 6.26
N PHE F 6 22.10 10.90 5.75
CA PHE F 6 22.57 11.36 4.45
C PHE F 6 23.95 12.03 4.53
N ASN F 7 24.30 12.61 5.67
CA ASN F 7 25.65 13.11 5.91
C ASN F 7 26.10 14.06 4.79
N LYS F 8 25.23 15.02 4.46
CA LYS F 8 25.59 15.99 3.44
C LYS F 8 26.59 16.99 4.00
N ASP F 9 27.39 17.58 3.10
CA ASP F 9 28.32 18.65 3.47
C ASP F 9 27.54 19.94 3.64
N GLU F 10 27.48 20.47 4.87
CA GLU F 10 26.65 21.64 5.14
C GLU F 10 27.11 22.86 4.36
N ARG F 11 28.33 22.86 3.90
CA ARG F 11 28.83 23.94 3.09
C ARG F 11 28.20 23.91 1.71
N ILE F 12 28.05 22.74 1.14
CA ILE F 12 27.39 22.62 -0.16
C ILE F 12 25.90 22.89 -0.01
N MET F 13 25.30 22.33 1.01
CA MET F 13 23.90 22.55 1.23
C MET F 13 23.63 24.04 1.45
N ASP F 14 24.51 24.73 2.13
CA ASP F 14 24.33 26.17 2.28
C ASP F 14 24.34 26.88 0.93
N LEU F 15 25.09 26.34 -0.05
CA LEU F 15 25.08 26.93 -1.39
C LEU F 15 23.75 26.66 -2.08
N VAL F 16 23.16 25.48 -1.85
CA VAL F 16 21.82 25.21 -2.37
C VAL F 16 20.82 26.20 -1.78
N SER F 17 20.90 26.41 -0.45
CA SER F 17 20.00 27.36 0.20
C SER F 17 20.25 28.79 -0.31
N LYS F 18 21.51 29.16 -0.51
CA LYS F 18 21.81 30.43 -1.17
C LYS F 18 21.17 30.51 -2.54
N HIS F 19 21.24 29.43 -3.33
CA HIS F 19 20.65 29.54 -4.65
C HIS F 19 19.13 29.70 -4.57
N TYR F 20 18.48 29.04 -3.62
CA TYR F 20 17.05 29.29 -3.41
C TYR F 20 16.80 30.77 -3.20
N ASN F 21 17.65 31.43 -2.40
CA ASN F 21 17.45 32.86 -2.15
C ASN F 21 17.65 33.68 -3.42
N VAL F 22 18.55 33.23 -4.31
CA VAL F 22 18.73 33.97 -5.56
C VAL F 22 17.49 33.80 -6.45
N GLU F 23 16.94 32.58 -6.53
CA GLU F 23 15.72 32.42 -7.33
C GLU F 23 14.58 33.23 -6.74
N LEU F 24 14.48 33.28 -5.41
CA LEU F 24 13.45 34.07 -4.73
C LEU F 24 13.69 35.55 -4.93
N CYS F 25 14.95 35.97 -4.92
CA CYS F 25 15.28 37.36 -5.24
C CYS F 25 14.75 37.72 -6.62
N ALA F 26 14.93 36.81 -7.60
CA ALA F 26 14.41 37.02 -8.95
C ALA F 26 12.90 37.09 -8.93
N ALA F 27 12.24 36.14 -8.27
CA ALA F 27 10.78 36.18 -8.15
C ALA F 27 10.32 37.51 -7.56
N ASN F 28 10.93 37.91 -6.44
CA ASN F 28 10.57 39.18 -5.78
C ASN F 28 10.78 40.35 -6.72
N LEU F 29 11.90 40.38 -7.44
CA LEU F 29 12.11 41.45 -8.42
C LEU F 29 11.04 41.43 -9.49
N TYR F 30 10.69 40.24 -10.00
CA TYR F 30 9.73 40.18 -11.11
C TYR F 30 8.34 40.62 -10.69
N PHE F 31 7.91 40.29 -9.48
CA PHE F 31 6.59 40.79 -9.05
C PHE F 31 6.62 42.31 -8.86
N HIS F 32 7.74 42.84 -8.40
CA HIS F 32 7.91 44.30 -8.37
C HIS F 32 7.86 44.89 -9.78
N LEU F 33 8.63 44.33 -10.70
CA LEU F 33 8.65 44.84 -12.08
C LEU F 33 7.31 44.67 -12.77
N ALA F 34 6.52 43.67 -12.36
CA ALA F 34 5.17 43.57 -12.90
C ALA F 34 4.37 44.83 -12.58
N THR F 35 4.40 45.27 -11.32
CA THR F 35 3.66 46.47 -10.94
C THR F 35 4.25 47.72 -11.56
N VAL F 36 5.58 47.79 -11.72
CA VAL F 36 6.16 48.94 -12.41
C VAL F 36 5.74 48.96 -13.87
N SER F 37 5.84 47.80 -14.56
CA SER F 37 5.47 47.73 -15.97
C SER F 37 4.03 48.14 -16.18
N LYS F 38 3.15 47.68 -15.30
CA LYS F 38 1.73 48.02 -15.41
C LYS F 38 1.53 49.53 -15.27
N ALA F 39 2.17 50.14 -14.26
CA ALA F 39 2.01 51.57 -14.07
C ALA F 39 2.57 52.38 -15.22
N LEU F 40 3.53 51.82 -15.96
CA LEU F 40 4.07 52.46 -17.14
C LEU F 40 3.18 52.27 -18.37
N GLY F 41 2.12 51.48 -18.26
CA GLY F 41 1.18 51.26 -19.33
C GLY F 41 1.34 49.95 -20.07
N TYR F 42 2.12 49.01 -19.55
CA TYR F 42 2.45 47.77 -20.25
C TYR F 42 1.80 46.58 -19.54
N ASP F 43 0.51 46.40 -19.82
CA ASP F 43 -0.27 45.30 -19.23
C ASP F 43 0.31 43.92 -19.55
N ASN F 44 0.69 43.69 -20.80
CA ASN F 44 1.21 42.36 -21.17
C ASN F 44 2.62 42.14 -20.62
N VAL F 45 3.48 43.18 -20.64
CA VAL F 45 4.77 43.02 -19.99
C VAL F 45 4.59 42.74 -18.50
N ALA F 46 3.62 43.40 -17.88
CA ALA F 46 3.31 43.11 -16.48
C ALA F 46 2.92 41.65 -16.29
N ALA F 47 2.03 41.15 -17.14
CA ALA F 47 1.62 39.74 -17.05
C ALA F 47 2.80 38.80 -17.29
N PHE F 48 3.69 39.17 -18.21
CA PHE F 48 4.91 38.39 -18.44
C PHE F 48 5.73 38.27 -17.17
N PHE F 49 5.89 39.37 -16.42
CA PHE F 49 6.68 39.30 -15.18
C PHE F 49 5.96 38.48 -14.12
N VAL F 50 4.62 38.55 -14.06
CA VAL F 50 3.90 37.70 -13.12
C VAL F 50 4.15 36.24 -13.44
N LYS F 51 4.16 35.90 -14.74
CA LYS F 51 4.41 34.53 -15.16
C LYS F 51 5.83 34.09 -14.75
N MET F 52 6.81 34.97 -14.92
CA MET F 52 8.19 34.63 -14.59
C MET F 52 8.37 34.42 -13.09
N GLY F 53 7.83 35.35 -12.29
CA GLY F 53 7.93 35.17 -10.84
C GLY F 53 7.18 33.94 -10.38
N SER F 54 6.01 33.69 -10.95
CA SER F 54 5.25 32.51 -10.55
C SER F 54 6.00 31.23 -10.90
N ASP F 55 6.66 31.23 -12.07
N ASP F 55 6.67 31.24 -12.06
CA ASP F 55 7.44 30.05 -12.45
CA ASP F 55 7.45 30.07 -12.47
C ASP F 55 8.61 29.82 -11.50
C ASP F 55 8.63 29.83 -11.53
N LYS F 56 9.27 30.89 -11.06
CA LYS F 56 10.36 30.73 -10.09
C LYS F 56 9.84 30.03 -8.84
N GLN F 57 8.63 30.38 -8.39
CA GLN F 57 8.05 29.75 -7.21
C GLN F 57 7.73 28.29 -7.45
N SER F 58 6.99 28.00 -8.53
CA SER F 58 6.40 26.68 -8.68
C SER F 58 7.36 25.67 -9.27
N ALA F 59 8.37 26.09 -10.02
CA ALA F 59 9.29 25.16 -10.66
C ALA F 59 10.70 25.20 -10.07
N HIS F 60 11.20 26.37 -9.67
CA HIS F 60 12.58 26.46 -9.18
C HIS F 60 12.65 26.28 -7.67
N MET F 61 12.01 27.18 -6.93
CA MET F 61 12.03 27.12 -5.47
C MET F 61 11.45 25.80 -4.96
N SER F 62 10.34 25.34 -5.56
CA SER F 62 9.76 24.05 -5.16
C SER F 62 10.79 22.92 -5.28
N ARG F 63 11.49 22.84 -6.41
CA ARG F 63 12.46 21.75 -6.58
C ARG F 63 13.59 21.84 -5.56
N LEU F 64 14.02 23.06 -5.23
CA LEU F 64 15.13 23.21 -4.28
C LEU F 64 14.72 22.81 -2.87
N VAL F 65 13.57 23.28 -2.39
CA VAL F 65 13.22 22.90 -1.02
C VAL F 65 12.90 21.42 -0.94
N LYS F 66 12.40 20.86 -2.03
CA LYS F 66 12.10 19.45 -2.08
C LYS F 66 13.39 18.64 -2.01
N TYR F 67 14.41 19.05 -2.72
CA TYR F 67 15.70 18.36 -2.65
C TYR F 67 16.29 18.46 -1.25
N MET F 68 16.26 19.66 -0.66
CA MET F 68 16.84 19.79 0.67
C MET F 68 16.15 18.87 1.67
N MET F 69 14.84 18.71 1.57
CA MET F 69 14.13 17.80 2.47
C MET F 69 14.51 16.34 2.21
N LYS F 70 14.73 15.96 0.95
CA LYS F 70 15.15 14.58 0.66
C LYS F 70 16.40 14.21 1.42
N VAL F 71 17.30 15.17 1.62
CA VAL F 71 18.57 14.91 2.28
C VAL F 71 18.63 15.56 3.66
N ASP F 72 17.46 15.81 4.28
CA ASP F 72 17.37 16.29 5.66
C ASP F 72 18.17 17.57 5.89
N SER F 73 18.28 18.44 4.90
CA SER F 73 19.01 19.70 5.12
C SER F 73 18.06 20.88 5.22
N ILE F 74 18.59 21.97 5.78
CA ILE F 74 17.79 23.10 6.27
C ILE F 74 17.89 24.25 5.29
N LEU F 75 16.73 24.77 4.87
CA LEU F 75 16.65 25.94 4.04
C LEU F 75 16.63 27.19 4.92
N LYS F 76 17.50 28.14 4.61
CA LYS F 76 17.62 29.38 5.37
C LYS F 76 17.35 30.55 4.43
N ILE F 77 16.25 31.26 4.66
CA ILE F 77 15.95 32.48 3.91
C ILE F 77 16.67 33.63 4.60
N ASN F 78 17.35 34.47 3.83
CA ASN F 78 18.04 35.62 4.41
C ASN F 78 17.92 36.79 3.44
N GLN F 79 18.73 37.84 3.65
CA GLN F 79 18.58 39.08 2.91
C GLN F 79 19.00 38.98 1.45
N ILE F 80 19.70 37.91 1.06
CA ILE F 80 19.99 37.67 -0.36
C ILE F 80 18.71 37.66 -1.18
N SER F 81 17.59 37.28 -0.56
CA SER F 81 16.32 37.14 -1.26
C SER F 81 15.63 38.45 -1.56
N VAL F 82 16.11 39.57 -1.01
CA VAL F 82 15.44 40.86 -1.13
C VAL F 82 16.16 41.67 -2.22
N PRO F 83 15.50 42.01 -3.31
CA PRO F 83 16.21 42.67 -4.41
C PRO F 83 16.50 44.13 -4.08
N GLU F 84 17.66 44.60 -4.53
CA GLU F 84 18.01 46.01 -4.48
C GLU F 84 17.22 46.75 -5.54
N LEU F 85 16.24 47.55 -5.11
CA LEU F 85 15.42 48.31 -6.05
C LEU F 85 16.05 49.65 -6.38
N VAL F 86 16.01 50.01 -7.66
CA VAL F 86 16.33 51.37 -8.09
C VAL F 86 15.07 51.97 -8.72
N SER F 87 15.13 53.24 -9.09
CA SER F 87 14.01 53.88 -9.75
C SER F 87 13.99 53.52 -11.23
N PHE F 88 12.79 53.23 -11.75
CA PHE F 88 12.62 52.95 -13.16
C PHE F 88 11.73 54.03 -13.76
N GLU F 89 12.17 54.62 -14.86
CA GLU F 89 11.35 55.59 -15.54
C GLU F 89 10.86 55.11 -16.90
N THR F 90 11.46 54.05 -17.46
CA THR F 90 11.05 53.55 -18.77
C THR F 90 10.96 52.02 -18.72
N ILE F 91 10.23 51.47 -19.68
CA ILE F 91 10.15 50.02 -19.81
C ILE F 91 11.50 49.42 -20.23
N GLN F 92 12.35 50.21 -20.90
CA GLN F 92 13.69 49.71 -21.21
C GLN F 92 14.51 49.53 -19.94
N GLU F 93 14.41 50.46 -18.99
CA GLU F 93 15.15 50.29 -17.74
C GLU F 93 14.61 49.10 -16.94
N VAL F 94 13.30 48.86 -17.02
CA VAL F 94 12.70 47.69 -16.37
C VAL F 94 13.33 46.41 -16.93
N LEU F 95 13.41 46.29 -18.25
CA LEU F 95 13.98 45.08 -18.80
C LEU F 95 15.47 44.97 -18.54
N ASP F 96 16.18 46.11 -18.49
CA ASP F 96 17.60 46.08 -18.10
C ASP F 96 17.77 45.36 -16.76
N ALA F 97 16.96 45.74 -15.78
CA ALA F 97 17.09 45.15 -14.45
C ALA F 97 16.75 43.67 -14.47
N ALA F 98 15.72 43.29 -15.24
CA ALA F 98 15.34 41.89 -15.34
C ALA F 98 16.44 41.06 -15.98
N LEU F 99 17.06 41.57 -17.05
CA LEU F 99 18.14 40.84 -17.71
C LEU F 99 19.32 40.65 -16.76
N LYS F 100 19.66 41.69 -15.99
CA LYS F 100 20.75 41.57 -15.03
C LYS F 100 20.43 40.54 -13.96
N MET F 101 19.19 40.53 -13.46
CA MET F 101 18.80 39.58 -12.44
C MET F 101 18.87 38.15 -12.94
N GLU F 102 18.32 37.89 -14.13
CA GLU F 102 18.28 36.51 -14.60
C GLU F 102 19.67 36.03 -14.99
N SER F 103 20.54 36.94 -15.47
CA SER F 103 21.93 36.56 -15.67
C SER F 103 22.55 36.10 -14.36
N LYS F 104 22.23 36.78 -13.26
CA LYS F 104 22.79 36.41 -11.98
C LYS F 104 22.23 35.07 -11.49
N VAL F 105 20.97 34.78 -11.76
CA VAL F 105 20.43 33.45 -11.48
C VAL F 105 21.27 32.39 -12.20
N ARG F 106 21.47 32.57 -13.51
CA ARG F 106 22.22 31.61 -14.32
C ARG F 106 23.63 31.42 -13.79
N GLU F 107 24.30 32.52 -13.42
CA GLU F 107 25.64 32.40 -12.84
C GLU F 107 25.61 31.66 -11.52
N SER F 108 24.56 31.87 -10.71
CA SER F 108 24.50 31.16 -9.44
C SER F 108 24.28 29.67 -9.65
N VAL F 109 23.41 29.28 -10.59
CA VAL F 109 23.27 27.87 -10.98
C VAL F 109 24.63 27.28 -11.35
N LYS F 110 25.38 28.00 -12.18
CA LYS F 110 26.66 27.47 -12.63
C LYS F 110 27.62 27.27 -11.47
N ASN F 111 27.59 28.20 -10.51
CA ASN F 111 28.49 28.13 -9.36
C ASN F 111 28.19 26.92 -8.49
N VAL F 112 26.91 26.72 -8.14
CA VAL F 112 26.54 25.56 -7.33
C VAL F 112 26.85 24.26 -8.07
N THR F 113 26.57 24.22 -9.37
CA THR F 113 26.84 23.03 -10.16
C THR F 113 28.32 22.70 -10.14
N GLU F 114 29.16 23.72 -10.36
CA GLU F 114 30.59 23.48 -10.43
C GLU F 114 31.15 23.04 -9.08
N ILE F 115 30.76 23.74 -8.01
CA ILE F 115 31.32 23.41 -6.70
C ILE F 115 30.84 22.05 -6.22
N SER F 116 29.56 21.73 -6.44
CA SER F 116 29.09 20.41 -6.01
C SER F 116 29.86 19.30 -6.71
N LEU F 117 30.14 19.47 -8.01
CA LEU F 117 30.88 18.44 -8.73
C LEU F 117 32.29 18.31 -8.18
N LEU F 118 32.98 19.44 -8.01
CA LEU F 118 34.34 19.43 -7.46
C LEU F 118 34.38 18.77 -6.09
N ALA F 119 33.33 18.98 -5.29
CA ALA F 119 33.27 18.39 -3.96
C ALA F 119 32.82 16.93 -3.98
N LYS F 120 32.55 16.37 -5.17
CA LYS F 120 32.03 15.01 -5.31
C LYS F 120 30.68 14.85 -4.63
N ASP F 121 29.89 15.91 -4.61
CA ASP F 121 28.49 15.79 -4.19
C ASP F 121 27.70 15.55 -5.47
N PHE F 122 27.67 14.28 -5.87
CA PHE F 122 26.99 13.93 -7.12
C PHE F 122 25.47 14.06 -6.97
N GLU F 123 24.94 13.92 -5.76
CA GLU F 123 23.50 14.13 -5.58
C GLU F 123 23.11 15.57 -5.90
N THR F 124 23.91 16.54 -5.45
CA THR F 124 23.57 17.93 -5.70
C THR F 124 23.84 18.30 -7.14
N PHE F 125 24.94 17.79 -7.70
CA PHE F 125 25.20 17.96 -9.14
C PHE F 125 24.02 17.46 -9.97
N GLU F 126 23.50 16.28 -9.63
CA GLU F 126 22.38 15.71 -10.38
C GLU F 126 21.15 16.62 -10.30
N ARG F 127 20.83 17.09 -9.09
CA ARG F 127 19.67 17.96 -8.91
C ARG F 127 19.86 19.27 -9.68
N MET F 128 21.09 19.76 -9.79
CA MET F 128 21.27 21.03 -10.48
C MET F 128 21.11 20.93 -11.99
N GLN F 129 21.10 19.73 -12.57
CA GLN F 129 21.05 19.62 -14.03
C GLN F 129 19.77 20.21 -14.59
N TRP F 130 18.65 20.03 -13.88
CA TRP F 130 17.41 20.66 -14.33
C TRP F 130 17.56 22.17 -14.40
N PHE F 131 18.29 22.75 -13.44
CA PHE F 131 18.47 24.20 -13.39
C PHE F 131 19.44 24.67 -14.46
N VAL F 132 20.49 23.88 -14.73
CA VAL F 132 21.39 24.22 -15.83
C VAL F 132 20.59 24.37 -17.12
N LYS F 133 19.68 23.43 -17.37
CA LYS F 133 18.91 23.50 -18.61
C LYS F 133 17.89 24.64 -18.56
N ASP F 134 17.16 24.75 -17.46
CA ASP F 134 16.06 25.72 -17.43
C ASP F 134 16.57 27.15 -17.30
N SER F 135 17.74 27.37 -16.69
CA SER F 135 18.27 28.72 -16.65
C SER F 135 18.51 29.29 -18.04
N ILE F 136 18.90 28.45 -19.00
CA ILE F 136 18.97 28.89 -20.40
C ILE F 136 17.60 29.37 -20.87
N GLU F 137 16.56 28.58 -20.60
CA GLU F 137 15.22 28.96 -21.05
C GLU F 137 14.78 30.29 -20.45
N ASP F 138 14.98 30.46 -19.13
CA ASP F 138 14.49 31.68 -18.49
C ASP F 138 15.26 32.90 -18.97
N LEU F 139 16.57 32.76 -19.16
CA LEU F 139 17.36 33.88 -19.68
C LEU F 139 16.96 34.20 -21.12
N GLU F 140 16.69 33.18 -21.94
CA GLU F 140 16.21 33.45 -23.29
C GLU F 140 14.90 34.23 -23.27
N GLU F 141 13.98 33.86 -22.38
CA GLU F 141 12.68 34.53 -22.33
C GLU F 141 12.83 36.01 -22.01
N ILE F 142 13.63 36.32 -21.00
CA ILE F 142 13.80 37.71 -20.61
C ILE F 142 14.62 38.45 -21.67
N SER F 143 15.64 37.79 -22.22
CA SER F 143 16.46 38.37 -23.28
C SER F 143 15.63 38.71 -24.51
N ASP F 144 14.68 37.84 -24.88
CA ASP F 144 13.80 38.14 -26.01
C ASP F 144 12.98 39.41 -25.75
N VAL F 145 12.41 39.54 -24.55
CA VAL F 145 11.61 40.73 -24.28
C VAL F 145 12.51 41.97 -24.22
N TRP F 146 13.72 41.81 -23.67
CA TRP F 146 14.68 42.91 -23.71
C TRP F 146 14.94 43.35 -25.15
N THR F 147 15.11 42.39 -26.06
CA THR F 147 15.32 42.71 -27.46
C THR F 147 14.15 43.48 -28.03
N TYR F 148 12.91 43.05 -27.73
CA TYR F 148 11.74 43.74 -28.24
C TYR F 148 11.70 45.19 -27.79
N VAL F 149 11.88 45.43 -26.50
CA VAL F 149 11.70 46.80 -26.01
C VAL F 149 12.87 47.70 -26.36
N HIS F 150 14.03 47.14 -26.71
CA HIS F 150 15.19 47.93 -27.09
C HIS F 150 15.35 48.07 -28.60
N SER F 151 14.48 47.47 -29.39
CA SER F 151 14.64 47.55 -30.84
C SER F 151 14.30 48.95 -31.34
N PRO F 152 14.98 49.42 -32.38
CA PRO F 152 14.71 50.78 -32.87
C PRO F 152 13.29 50.92 -33.41
N ASN F 153 12.69 52.08 -33.11
N ASN F 153 12.68 52.07 -33.11
CA ASN F 153 11.47 52.53 -33.76
CA ASN F 153 11.46 52.52 -33.77
C ASN F 153 10.25 51.65 -33.43
C ASN F 153 10.23 51.67 -33.41
N VAL F 154 10.23 51.01 -32.26
CA VAL F 154 9.05 50.27 -31.83
C VAL F 154 8.23 51.17 -30.94
N ASN F 155 6.93 50.94 -30.87
CA ASN F 155 6.05 51.72 -30.02
C ASN F 155 5.41 50.88 -28.93
N LEU F 156 4.69 51.48 -28.01
CA LEU F 156 4.13 50.72 -26.90
C LEU F 156 3.23 49.59 -27.40
N ILE F 157 2.46 49.86 -28.45
CA ILE F 157 1.55 48.84 -28.94
C ILE F 157 2.30 47.67 -29.56
N ASN F 158 3.38 47.96 -30.31
CA ASN F 158 4.22 46.87 -30.83
C ASN F 158 4.68 45.96 -29.70
N ILE F 159 5.24 46.57 -28.66
CA ILE F 159 5.79 45.83 -27.54
C ILE F 159 4.71 44.97 -26.90
N GLU F 160 3.54 45.59 -26.62
CA GLU F 160 2.45 44.87 -25.95
C GLU F 160 1.95 43.71 -26.80
N ASN F 161 1.82 43.92 -28.11
CA ASN F 161 1.31 42.84 -28.98
C ASN F 161 2.25 41.64 -29.00
N ILE F 162 3.56 41.87 -29.16
CA ILE F 162 4.44 40.72 -29.30
C ILE F 162 4.66 40.02 -27.95
N VAL F 163 4.73 40.79 -26.86
CA VAL F 163 4.88 40.18 -25.55
C VAL F 163 3.63 39.37 -25.19
N GLY F 164 2.46 39.84 -25.63
CA GLY F 164 1.23 39.09 -25.41
C GLY F 164 1.28 37.68 -25.96
N LYS F 165 2.02 37.47 -27.05
CA LYS F 165 2.15 36.15 -27.63
C LYS F 165 3.04 35.20 -26.83
N LYS F 166 3.77 35.69 -25.82
CA LYS F 166 4.54 34.84 -24.93
C LYS F 166 3.72 34.33 -23.74
N LEU F 167 2.54 34.87 -23.54
CA LEU F 167 1.65 34.43 -22.48
C LEU F 167 0.74 33.30 -22.97
#